data_7ZMC
#
_entry.id   7ZMC
#
_cell.length_a   73.560
_cell.length_b   191.790
_cell.length_c   293.810
_cell.angle_alpha   90.000
_cell.angle_beta   90.000
_cell.angle_gamma   90.000
#
_symmetry.space_group_name_H-M   'C 2 2 21'
#
_entity_poly.entity_id   1
_entity_poly.type   'polypeptide(L)'
_entity_poly.pdbx_seq_one_letter_code
;GPPKGALDIAIIGISGRYPQARNIHDFWKNLRDGKDCITEIPKDRWDHSLYFDEAKDKLGKSYSKWGGFIDGVDQFDPLF
FHISPREAELMDPQERLFLQCVYETIEDAGYTRETLGKHEGLGGNVGVYVGVMYEEYQLYASAEQALGRALAIAGSPASI
ANRVSYFCNFHGPSMAVDTMCSSSLTGIHLACHSLQRGECEVAIAGGVNVSIHPNKYLYLSQGKFASSKGRCESFGEGGD
GYVPGEGVGAVLLKPLARAIADGDHIYGVIKGSAINHGGKTNGYTVPNPHSQSRVIRRAFEEAGIHPRTVSYIEAHGTGT
SLGDPIEIAGLTKTFQEYTKENQFCAIGSAKSNIGHGESAAGIAGLTKILLQMKYKRLVPSLHSRTLNPNIDFSKTPFVV
QQELAEWKRPVIEIDGVTREYARIAGISSFGAGGANAHLVIEEYIEAEHRPPSSISSKNPAVIVLSAKNKDRLREQVQRL
LSAIREQVLTDNDLAEIAYTLQVGREAMEERFAVIVKSISELEAKLTYYLKDEADSPDLFTGQVKRNKETMDVFAADEDL
QQAIDTWITKGKYAKILQMWVQGLIFDWNKLYGDTKPRRISLPAYPFARERYWLPKVESQAIGLTAGEPAYLHPA
;
_entity_poly.pdbx_strand_id   A,B
#
# COMPACT_ATOMS: atom_id res chain seq x y z
N ALA A 6 14.33 -12.51 -10.33
CA ALA A 6 13.40 -12.07 -11.37
C ALA A 6 11.96 -12.28 -10.93
N LEU A 7 11.14 -11.24 -11.08
CA LEU A 7 9.74 -11.32 -10.66
C LEU A 7 8.99 -12.39 -11.44
N ASP A 8 9.12 -12.38 -12.77
CA ASP A 8 8.36 -13.25 -13.67
C ASP A 8 6.90 -13.29 -13.26
N ILE A 9 6.20 -12.18 -13.46
CA ILE A 9 4.78 -12.08 -13.13
C ILE A 9 4.00 -11.83 -14.41
N ALA A 10 3.18 -12.80 -14.79
CA ALA A 10 2.47 -12.73 -16.07
C ALA A 10 1.23 -11.86 -15.96
N ILE A 11 0.98 -11.07 -17.00
CA ILE A 11 -0.26 -10.31 -17.15
C ILE A 11 -1.19 -11.15 -18.02
N ILE A 12 -2.33 -11.54 -17.46
CA ILE A 12 -3.22 -12.47 -18.15
C ILE A 12 -4.62 -11.90 -18.36
N GLY A 13 -4.81 -10.61 -18.10
CA GLY A 13 -6.08 -9.99 -18.41
C GLY A 13 -6.05 -8.49 -18.23
N ILE A 14 -6.70 -7.76 -19.13
CA ILE A 14 -6.79 -6.31 -19.05
C ILE A 14 -8.21 -5.87 -19.35
N SER A 15 -8.59 -4.73 -18.78
CA SER A 15 -9.72 -3.96 -19.29
C SER A 15 -9.51 -2.51 -18.90
N GLY A 16 -10.33 -1.65 -19.48
CA GLY A 16 -10.19 -0.23 -19.22
C GLY A 16 -11.14 0.58 -20.08
N ARG A 17 -11.27 1.84 -19.69
CA ARG A 17 -12.09 2.80 -20.40
C ARG A 17 -11.35 4.13 -20.28
N TYR A 18 -10.85 4.64 -21.40
CA TYR A 18 -10.06 5.86 -21.46
C TYR A 18 -10.69 6.78 -22.48
N PRO A 19 -10.28 8.06 -22.49
CA PRO A 19 -11.00 9.03 -23.32
C PRO A 19 -11.14 8.57 -24.76
N GLN A 20 -12.34 8.77 -25.30
CA GLN A 20 -12.67 8.38 -26.68
C GLN A 20 -12.38 6.89 -26.91
N ALA A 21 -12.67 6.07 -25.91
CA ALA A 21 -12.42 4.64 -25.99
C ALA A 21 -13.12 3.90 -24.86
N ARG A 22 -14.35 3.45 -25.11
CA ARG A 22 -15.09 2.73 -24.08
C ARG A 22 -14.54 1.33 -23.83
N ASN A 23 -13.73 0.80 -24.75
CA ASN A 23 -13.17 -0.54 -24.59
C ASN A 23 -11.70 -0.49 -25.00
N ILE A 24 -11.00 -1.61 -24.76
CA ILE A 24 -9.56 -1.64 -25.01
C ILE A 24 -9.25 -1.64 -26.50
N HIS A 25 -10.05 -2.34 -27.30
CA HIS A 25 -9.82 -2.37 -28.74
C HIS A 25 -9.97 -0.97 -29.34
N ASP A 26 -11.01 -0.23 -28.93
CA ASP A 26 -11.14 1.15 -29.36
C ASP A 26 -9.93 1.97 -28.94
N PHE A 27 -9.38 1.69 -27.76
CA PHE A 27 -8.18 2.39 -27.31
C PHE A 27 -7.02 2.12 -28.25
N TRP A 28 -6.83 0.87 -28.66
CA TRP A 28 -5.79 0.56 -29.63
C TRP A 28 -6.04 1.30 -30.94
N LYS A 29 -7.30 1.39 -31.37
CA LYS A 29 -7.61 2.13 -32.59
C LYS A 29 -7.15 3.59 -32.47
N ASN A 30 -7.55 4.26 -31.40
CA ASN A 30 -7.19 5.67 -31.23
C ASN A 30 -5.68 5.86 -31.13
N LEU A 31 -4.99 4.90 -30.51
CA LEU A 31 -3.54 5.04 -30.35
C LEU A 31 -2.82 4.81 -31.66
N ARG A 32 -3.15 3.71 -32.35
CA ARG A 32 -2.49 3.37 -33.60
C ARG A 32 -2.73 4.42 -34.67
N ASP A 33 -3.98 4.89 -34.81
CA ASP A 33 -4.24 5.91 -35.82
C ASP A 33 -3.58 7.24 -35.48
N GLY A 34 -3.39 7.52 -34.21
CA GLY A 34 -2.79 8.77 -33.78
C GLY A 34 -3.78 9.85 -33.39
N LYS A 35 -4.99 9.48 -33.01
CA LYS A 35 -5.99 10.47 -32.65
C LYS A 35 -5.60 11.22 -31.39
N ASP A 36 -5.85 12.53 -31.39
CA ASP A 36 -5.72 13.34 -30.18
C ASP A 36 -7.08 13.34 -29.48
N CYS A 37 -7.17 12.60 -28.38
CA CYS A 37 -8.43 12.38 -27.70
C CYS A 37 -8.74 13.46 -26.66
N ILE A 38 -8.05 14.60 -26.72
CA ILE A 38 -8.32 15.71 -25.82
C ILE A 38 -9.49 16.50 -26.39
N THR A 39 -10.71 16.00 -26.17
CA THR A 39 -11.91 16.68 -26.62
C THR A 39 -12.28 17.79 -25.64
N GLU A 40 -13.27 18.59 -26.02
CA GLU A 40 -13.80 19.59 -25.11
C GLU A 40 -14.72 18.95 -24.09
N ILE A 41 -14.93 19.66 -22.99
CA ILE A 41 -15.73 19.16 -21.87
C ILE A 41 -17.13 18.82 -22.38
N PRO A 42 -17.61 17.58 -22.21
CA PRO A 42 -19.01 17.28 -22.58
C PRO A 42 -20.00 17.88 -21.59
N GLY A 67 -9.49 19.12 -21.70
CA GLY A 67 -9.00 17.88 -21.14
C GLY A 67 -9.71 16.65 -21.67
N GLY A 68 -8.99 15.53 -21.76
CA GLY A 68 -9.59 14.30 -22.24
C GLY A 68 -10.48 13.68 -21.18
N PHE A 69 -11.70 13.31 -21.58
CA PHE A 69 -12.69 12.74 -20.67
C PHE A 69 -13.26 11.48 -21.31
N ILE A 70 -14.01 10.72 -20.49
CA ILE A 70 -14.48 9.41 -20.89
C ILE A 70 -16.00 9.42 -21.01
N ASP A 71 -16.52 8.56 -21.88
CA ASP A 71 -17.95 8.49 -22.11
C ASP A 71 -18.61 7.71 -20.97
N GLY A 72 -19.70 8.26 -20.43
CA GLY A 72 -20.47 7.55 -19.44
C GLY A 72 -19.74 7.44 -18.12
N VAL A 73 -19.45 8.59 -17.50
CA VAL A 73 -18.82 8.58 -16.19
C VAL A 73 -19.68 7.83 -15.18
N ASP A 74 -21.00 8.05 -15.24
CA ASP A 74 -21.94 7.52 -14.25
C ASP A 74 -22.58 6.20 -14.67
N GLN A 75 -22.29 5.69 -15.86
CA GLN A 75 -23.03 4.54 -16.37
C GLN A 75 -22.67 3.28 -15.60
N PHE A 76 -23.68 2.47 -15.31
CA PHE A 76 -23.53 1.34 -14.42
C PHE A 76 -24.72 0.42 -14.59
N ASP A 77 -24.52 -0.85 -14.21
CA ASP A 77 -25.55 -1.88 -14.28
C ASP A 77 -25.64 -2.50 -12.90
N PRO A 78 -26.29 -1.82 -11.95
CA PRO A 78 -26.24 -2.28 -10.55
C PRO A 78 -26.98 -3.57 -10.32
N LEU A 79 -28.08 -3.82 -11.04
CA LEU A 79 -28.81 -5.06 -10.86
C LEU A 79 -27.93 -6.27 -11.15
N PHE A 80 -26.95 -6.12 -12.05
CA PHE A 80 -26.00 -7.18 -12.32
C PHE A 80 -25.18 -7.52 -11.09
N PHE A 81 -24.82 -6.51 -10.30
CA PHE A 81 -23.97 -6.67 -9.13
C PHE A 81 -24.76 -6.83 -7.84
N HIS A 82 -26.05 -7.15 -7.93
CA HIS A 82 -26.91 -7.22 -6.74
C HIS A 82 -26.77 -5.96 -5.89
N ILE A 83 -26.94 -4.81 -6.55
CA ILE A 83 -26.79 -3.51 -5.94
C ILE A 83 -28.08 -2.74 -6.13
N SER A 84 -28.66 -2.26 -5.04
CA SER A 84 -29.87 -1.46 -5.12
C SER A 84 -29.58 -0.17 -5.89
N PRO A 85 -30.56 0.33 -6.66
CA PRO A 85 -30.33 1.60 -7.36
C PRO A 85 -29.93 2.73 -6.44
N ARG A 86 -30.44 2.74 -5.20
CA ARG A 86 -29.99 3.73 -4.24
C ARG A 86 -28.49 3.59 -4.01
N GLU A 87 -28.06 2.41 -3.53
CA GLU A 87 -26.64 2.17 -3.30
C GLU A 87 -25.81 2.55 -4.53
N ALA A 88 -26.36 2.36 -5.73
CA ALA A 88 -25.67 2.78 -6.94
C ALA A 88 -25.49 4.29 -6.97
N GLU A 89 -26.58 5.03 -6.73
CA GLU A 89 -26.48 6.48 -6.67
C GLU A 89 -25.51 6.94 -5.59
N LEU A 90 -25.41 6.19 -4.49
CA LEU A 90 -24.49 6.58 -3.42
C LEU A 90 -23.05 6.25 -3.79
N MET A 91 -22.83 5.12 -4.46
CA MET A 91 -21.48 4.71 -4.84
C MET A 91 -20.82 5.80 -5.67
N ASP A 92 -19.56 6.10 -5.32
CA ASP A 92 -18.78 7.03 -6.12
C ASP A 92 -18.62 6.44 -7.52
N PRO A 93 -18.67 7.26 -8.57
CA PRO A 93 -18.51 6.71 -9.92
C PRO A 93 -17.29 5.82 -10.07
N GLN A 94 -16.21 6.10 -9.34
CA GLN A 94 -15.01 5.29 -9.45
C GLN A 94 -15.26 3.87 -8.95
N GLU A 95 -15.89 3.73 -7.79
CA GLU A 95 -16.23 2.39 -7.29
C GLU A 95 -16.96 1.61 -8.37
N ARG A 96 -17.99 2.22 -8.96
CA ARG A 96 -18.80 1.58 -9.99
C ARG A 96 -17.97 1.19 -11.21
N LEU A 97 -17.29 2.17 -11.80
CA LEU A 97 -16.53 1.93 -13.02
C LEU A 97 -15.42 0.92 -12.80
N PHE A 98 -14.71 1.02 -11.68
CA PHE A 98 -13.64 0.08 -11.41
C PHE A 98 -14.19 -1.32 -11.18
N LEU A 99 -15.34 -1.44 -10.52
CA LEU A 99 -15.97 -2.74 -10.35
C LEU A 99 -16.32 -3.35 -11.71
N GLN A 100 -16.94 -2.56 -12.59
CA GLN A 100 -17.25 -3.03 -13.93
C GLN A 100 -15.99 -3.43 -14.68
N CYS A 101 -14.95 -2.58 -14.61
CA CYS A 101 -13.70 -2.83 -15.31
C CYS A 101 -12.99 -4.07 -14.79
N VAL A 102 -13.13 -4.35 -13.49
CA VAL A 102 -12.48 -5.54 -12.93
C VAL A 102 -13.22 -6.79 -13.37
N TYR A 103 -14.55 -6.75 -13.40
CA TYR A 103 -15.28 -7.86 -13.98
C TYR A 103 -14.90 -8.05 -15.45
N GLU A 104 -14.73 -6.95 -16.18
CA GLU A 104 -14.33 -7.03 -17.57
C GLU A 104 -12.96 -7.68 -17.71
N THR A 105 -12.00 -7.33 -16.84
CA THR A 105 -10.69 -7.96 -16.94
C THR A 105 -10.79 -9.45 -16.63
N ILE A 106 -11.51 -9.79 -15.57
CA ILE A 106 -11.67 -11.20 -15.19
C ILE A 106 -12.23 -11.99 -16.36
N GLU A 107 -13.24 -11.44 -17.05
CA GLU A 107 -13.82 -12.15 -18.18
C GLU A 107 -12.87 -12.20 -19.37
N ASP A 108 -12.12 -11.12 -19.59
CA ASP A 108 -11.15 -11.10 -20.68
C ASP A 108 -10.11 -12.19 -20.49
N ALA A 109 -9.61 -12.36 -19.25
CA ALA A 109 -8.64 -13.41 -19.00
C ALA A 109 -9.21 -14.80 -19.20
N GLY A 110 -10.53 -14.93 -19.24
CA GLY A 110 -11.14 -16.23 -19.41
C GLY A 110 -11.34 -16.94 -18.09
N TYR A 111 -11.66 -16.15 -17.05
CA TYR A 111 -12.00 -16.67 -15.74
C TYR A 111 -13.29 -16.02 -15.25
N THR A 112 -13.89 -16.62 -14.24
CA THR A 112 -15.01 -16.07 -13.50
C THR A 112 -14.61 -15.93 -12.04
N ARG A 113 -15.42 -15.18 -11.29
CA ARG A 113 -15.05 -14.83 -9.93
C ARG A 113 -14.78 -16.07 -9.08
N GLU A 114 -15.40 -17.19 -9.41
CA GLU A 114 -15.37 -18.38 -8.57
C GLU A 114 -14.28 -19.38 -8.96
N THR A 115 -13.41 -19.03 -9.91
CA THR A 115 -12.41 -19.97 -10.41
C THR A 115 -10.98 -19.53 -10.11
N LEU A 116 -10.80 -18.48 -9.31
CA LEU A 116 -9.48 -17.96 -8.96
C LEU A 116 -9.04 -18.54 -7.63
N GLY A 117 -7.87 -19.18 -7.63
CA GLY A 117 -7.33 -19.80 -6.43
C GLY A 117 -7.65 -21.28 -6.32
N ASN A 125 -8.33 -16.38 -3.13
CA ASN A 125 -7.12 -15.84 -2.52
C ASN A 125 -6.47 -14.84 -3.47
N VAL A 126 -7.15 -13.72 -3.70
CA VAL A 126 -6.81 -12.77 -4.76
C VAL A 126 -6.68 -11.39 -4.14
N GLY A 127 -5.56 -10.72 -4.41
CA GLY A 127 -5.40 -9.36 -3.97
C GLY A 127 -6.02 -8.37 -4.93
N VAL A 128 -6.46 -7.23 -4.39
CA VAL A 128 -7.08 -6.17 -5.16
C VAL A 128 -6.42 -4.86 -4.75
N TYR A 129 -5.57 -4.32 -5.61
CA TYR A 129 -4.87 -3.06 -5.37
C TYR A 129 -5.35 -2.06 -6.40
N VAL A 130 -5.75 -0.88 -5.96
CA VAL A 130 -6.27 0.15 -6.86
C VAL A 130 -5.66 1.49 -6.48
N GLY A 131 -5.10 2.19 -7.47
CA GLY A 131 -4.67 3.55 -7.27
C GLY A 131 -5.79 4.53 -7.55
N VAL A 132 -5.83 5.59 -6.74
CA VAL A 132 -6.87 6.61 -6.89
C VAL A 132 -6.59 7.75 -5.93
N MET A 133 -6.97 8.96 -6.34
CA MET A 133 -6.88 10.15 -5.49
C MET A 133 -8.23 10.83 -5.35
N TYR A 134 -8.95 11.02 -6.46
CA TYR A 134 -10.22 11.73 -6.46
C TYR A 134 -11.33 10.74 -6.13
N GLU A 135 -11.97 10.89 -4.97
CA GLU A 135 -13.18 10.16 -4.64
C GLU A 135 -14.24 11.12 -4.14
N GLU A 136 -14.34 12.27 -4.80
CA GLU A 136 -15.16 13.38 -4.31
C GLU A 136 -16.64 12.99 -4.34
N TYR A 137 -17.33 13.19 -3.22
CA TYR A 137 -18.76 13.00 -3.16
C TYR A 137 -19.31 13.94 -2.09
N GLN A 138 -20.59 13.78 -1.76
CA GLN A 138 -21.23 14.52 -0.68
C GLN A 138 -22.06 13.55 0.14
N LEU A 139 -22.68 14.08 1.21
CA LEU A 139 -23.52 13.27 2.08
C LEU A 139 -24.98 13.65 1.88
N SER A 156 -15.45 5.95 1.70
CA SER A 156 -14.05 6.21 1.39
C SER A 156 -13.64 5.48 0.11
N PRO A 157 -12.49 5.85 -0.46
CA PRO A 157 -12.08 5.22 -1.73
C PRO A 157 -11.65 3.77 -1.60
N ALA A 158 -11.35 3.30 -0.39
CA ALA A 158 -11.06 1.88 -0.22
C ALA A 158 -12.22 1.02 -0.71
N SER A 159 -13.46 1.53 -0.58
CA SER A 159 -14.61 0.86 -1.16
C SER A 159 -14.31 0.37 -2.57
N ILE A 160 -13.73 1.25 -3.40
CA ILE A 160 -13.40 0.96 -4.79
C ILE A 160 -12.80 -0.43 -4.89
N ALA A 161 -11.85 -0.74 -4.02
CA ALA A 161 -11.26 -2.07 -3.99
C ALA A 161 -12.09 -3.02 -3.14
N ASN A 162 -12.46 -2.58 -1.93
CA ASN A 162 -13.19 -3.45 -1.02
C ASN A 162 -14.46 -3.99 -1.67
N ARG A 163 -15.28 -3.10 -2.23
CA ARG A 163 -16.46 -3.51 -2.99
C ARG A 163 -16.10 -4.65 -3.93
N VAL A 164 -15.07 -4.44 -4.75
CA VAL A 164 -14.61 -5.48 -5.67
C VAL A 164 -14.33 -6.77 -4.90
N SER A 165 -13.44 -6.69 -3.91
CA SER A 165 -13.14 -7.87 -3.10
C SER A 165 -14.42 -8.45 -2.51
N TYR A 166 -15.35 -7.57 -2.10
CA TYR A 166 -16.62 -8.03 -1.57
C TYR A 166 -17.43 -8.74 -2.64
N PHE A 167 -17.51 -8.17 -3.84
CA PHE A 167 -18.40 -8.71 -4.85
C PHE A 167 -17.88 -10.01 -5.45
N CYS A 168 -16.56 -10.21 -5.48
CA CYS A 168 -15.95 -11.37 -6.10
C CYS A 168 -15.54 -12.44 -5.09
N ASN A 169 -15.78 -12.23 -3.79
CA ASN A 169 -15.32 -13.15 -2.76
C ASN A 169 -13.80 -13.35 -2.84
N PHE A 170 -13.07 -12.23 -2.94
CA PHE A 170 -11.61 -12.25 -2.95
C PHE A 170 -11.12 -12.09 -1.51
N HIS A 171 -10.46 -13.11 -0.99
CA HIS A 171 -9.98 -13.11 0.39
C HIS A 171 -8.57 -12.55 0.53
N GLY A 172 -7.91 -12.20 -0.57
CA GLY A 172 -6.60 -11.61 -0.48
C GLY A 172 -6.70 -10.15 -0.09
N PRO A 173 -5.52 -9.53 0.08
CA PRO A 173 -5.51 -8.13 0.54
C PRO A 173 -6.21 -7.20 -0.43
N SER A 174 -6.95 -6.25 0.13
CA SER A 174 -7.73 -5.28 -0.64
C SER A 174 -7.46 -3.89 -0.08
N MET A 175 -6.88 -3.03 -0.90
CA MET A 175 -6.51 -1.69 -0.45
C MET A 175 -6.53 -0.74 -1.64
N ALA A 176 -6.41 0.55 -1.34
CA ALA A 176 -6.21 1.58 -2.35
C ALA A 176 -4.98 2.38 -1.97
N VAL A 177 -3.98 2.42 -2.85
CA VAL A 177 -2.74 3.15 -2.62
C VAL A 177 -2.83 4.52 -3.29
N ASP A 178 -2.26 5.53 -2.64
CA ASP A 178 -2.21 6.89 -3.18
C ASP A 178 -0.76 7.38 -3.14
N THR A 179 -0.22 7.70 -4.30
CA THR A 179 1.04 8.41 -4.44
C THR A 179 0.96 9.37 -5.61
N MET A 180 -0.19 10.00 -5.79
CA MET A 180 -0.39 10.95 -6.89
C MET A 180 -0.36 10.14 -8.18
N CYS A 181 0.33 10.60 -9.23
CA CYS A 181 0.39 9.83 -10.46
C CYS A 181 0.77 8.37 -10.18
N SER A 182 1.95 8.19 -9.56
CA SER A 182 2.48 6.86 -9.29
C SER A 182 1.44 5.98 -8.63
N SER A 183 0.37 6.57 -8.11
CA SER A 183 -0.71 5.84 -7.47
C SER A 183 -1.03 4.58 -8.25
N SER A 184 -1.09 4.66 -9.57
CA SER A 184 -1.41 3.45 -10.31
C SER A 184 -0.23 2.48 -10.28
N LEU A 185 0.93 2.93 -10.77
CA LEU A 185 2.07 2.03 -10.92
C LEU A 185 2.47 1.41 -9.59
N THR A 186 2.51 2.23 -8.53
CA THR A 186 2.84 1.72 -7.20
C THR A 186 1.95 0.52 -6.86
N GLY A 187 0.65 0.64 -7.08
CA GLY A 187 -0.23 -0.48 -6.84
C GLY A 187 0.33 -1.75 -7.44
N ILE A 188 0.61 -1.72 -8.74
CA ILE A 188 1.14 -2.90 -9.43
C ILE A 188 2.34 -3.44 -8.67
N HIS A 189 3.32 -2.56 -8.39
CA HIS A 189 4.50 -2.97 -7.63
C HIS A 189 4.09 -3.80 -6.42
N LEU A 190 3.28 -3.21 -5.55
CA LEU A 190 2.83 -3.91 -4.35
C LEU A 190 2.23 -5.27 -4.72
N ALA A 191 1.24 -5.26 -5.61
CA ALA A 191 0.62 -6.52 -6.03
C ALA A 191 1.69 -7.51 -6.43
N CYS A 192 2.60 -7.10 -7.32
CA CYS A 192 3.62 -8.02 -7.81
C CYS A 192 4.37 -8.64 -6.64
N HIS A 193 4.83 -7.81 -5.69
CA HIS A 193 5.60 -8.37 -4.59
C HIS A 193 4.71 -9.20 -3.68
N SER A 194 3.46 -8.77 -3.50
CA SER A 194 2.52 -9.60 -2.74
C SER A 194 2.40 -10.98 -3.37
N LEU A 195 2.64 -11.08 -4.68
CA LEU A 195 2.67 -12.37 -5.35
C LEU A 195 4.01 -13.06 -5.14
N GLN A 196 5.11 -12.32 -5.27
CA GLN A 196 6.43 -12.91 -5.06
C GLN A 196 6.51 -13.65 -3.73
N ARG A 197 5.78 -13.18 -2.73
CA ARG A 197 5.86 -13.72 -1.38
C ARG A 197 4.93 -14.90 -1.16
N GLY A 198 3.79 -14.94 -1.87
CA GLY A 198 2.76 -15.91 -1.62
C GLY A 198 1.55 -15.35 -0.89
N GLU A 199 1.54 -14.05 -0.61
CA GLU A 199 0.40 -13.45 0.06
C GLU A 199 -0.89 -13.76 -0.68
N CYS A 200 -0.83 -13.79 -2.01
CA CYS A 200 -2.00 -14.12 -2.81
C CYS A 200 -1.58 -14.93 -4.03
N GLU A 201 -2.47 -15.83 -4.44
CA GLU A 201 -2.24 -16.65 -5.64
C GLU A 201 -2.41 -15.84 -6.91
N VAL A 202 -3.27 -14.82 -6.89
CA VAL A 202 -3.54 -13.95 -8.02
C VAL A 202 -3.77 -12.55 -7.48
N ALA A 203 -3.71 -11.56 -8.35
CA ALA A 203 -3.90 -10.18 -7.93
C ALA A 203 -4.65 -9.40 -8.99
N ILE A 204 -5.27 -8.31 -8.55
CA ILE A 204 -5.87 -7.30 -9.42
C ILE A 204 -5.23 -5.96 -9.06
N ALA A 205 -4.56 -5.36 -10.02
CA ALA A 205 -4.01 -4.02 -9.87
C ALA A 205 -4.76 -3.10 -10.84
N GLY A 206 -4.74 -1.81 -10.56
CA GLY A 206 -5.47 -0.93 -11.45
C GLY A 206 -5.44 0.50 -10.99
N GLY A 207 -6.16 1.33 -11.73
CA GLY A 207 -6.28 2.74 -11.42
C GLY A 207 -7.60 3.27 -11.93
N VAL A 208 -7.98 4.43 -11.40
CA VAL A 208 -9.24 5.05 -11.77
C VAL A 208 -9.17 6.53 -11.41
N ASN A 209 -9.62 7.36 -12.34
CA ASN A 209 -9.62 8.82 -12.15
C ASN A 209 -10.84 9.38 -12.85
N VAL A 210 -11.66 10.12 -12.10
CA VAL A 210 -12.86 10.76 -12.60
C VAL A 210 -12.86 12.15 -11.98
N SER A 211 -12.67 13.19 -12.79
CA SER A 211 -12.62 14.55 -12.30
C SER A 211 -13.98 15.21 -12.44
N ILE A 212 -14.29 16.10 -11.50
CA ILE A 212 -15.51 16.90 -11.57
C ILE A 212 -15.15 18.37 -11.38
N VAL A 243 -3.23 19.54 -18.73
CA VAL A 243 -4.51 19.01 -19.18
C VAL A 243 -4.91 17.81 -18.30
N PRO A 244 -6.07 17.87 -17.67
CA PRO A 244 -6.55 16.70 -16.93
C PRO A 244 -6.97 15.58 -17.87
N GLY A 245 -7.06 14.39 -17.31
CA GLY A 245 -7.47 13.24 -18.10
C GLY A 245 -8.12 12.16 -17.25
N GLU A 246 -9.36 11.80 -17.59
CA GLU A 246 -10.05 10.75 -16.86
C GLU A 246 -9.58 9.39 -17.35
N GLY A 247 -10.08 8.35 -16.73
CA GLY A 247 -9.83 7.00 -17.21
C GLY A 247 -9.83 5.98 -16.09
N VAL A 248 -10.20 4.76 -16.42
CA VAL A 248 -10.19 3.64 -15.50
C VAL A 248 -9.53 2.47 -16.21
N GLY A 249 -8.89 1.61 -15.44
CA GLY A 249 -8.20 0.47 -16.03
C GLY A 249 -7.80 -0.52 -14.97
N ALA A 250 -7.63 -1.77 -15.39
CA ALA A 250 -7.34 -2.83 -14.45
C ALA A 250 -6.63 -3.98 -15.16
N VAL A 251 -5.72 -4.60 -14.42
CA VAL A 251 -4.89 -5.70 -14.88
C VAL A 251 -4.99 -6.84 -13.88
N LEU A 252 -4.98 -8.07 -14.40
CA LEU A 252 -4.98 -9.27 -13.57
C LEU A 252 -3.57 -9.87 -13.61
N LEU A 253 -3.02 -10.21 -12.46
CA LEU A 253 -1.63 -10.64 -12.33
C LEU A 253 -1.54 -12.03 -11.72
N LYS A 254 -0.66 -12.85 -12.29
CA LYS A 254 -0.47 -14.25 -11.89
C LYS A 254 0.97 -14.63 -12.12
N PRO A 255 1.57 -15.48 -11.27
CA PRO A 255 2.94 -15.92 -11.52
C PRO A 255 3.05 -16.59 -12.89
N LEU A 256 4.18 -16.33 -13.56
CA LEU A 256 4.37 -16.82 -14.93
C LEU A 256 4.35 -18.35 -14.97
N ALA A 257 4.96 -18.99 -13.99
CA ALA A 257 4.99 -20.45 -13.94
C ALA A 257 3.58 -21.04 -14.09
N ARG A 258 2.70 -20.68 -13.16
CA ARG A 258 1.37 -21.28 -13.14
C ARG A 258 0.45 -20.71 -14.21
N ALA A 259 0.85 -19.64 -14.90
CA ALA A 259 0.10 -19.19 -16.07
C ALA A 259 0.45 -20.03 -17.28
N ILE A 260 1.75 -20.26 -17.50
CA ILE A 260 2.16 -21.27 -18.48
C ILE A 260 1.42 -22.57 -18.19
N ALA A 261 1.43 -23.00 -16.93
CA ALA A 261 0.82 -24.28 -16.60
C ALA A 261 -0.67 -24.29 -16.85
N ASP A 262 -1.37 -23.23 -16.45
CA ASP A 262 -2.82 -23.17 -16.56
C ASP A 262 -3.31 -22.66 -17.92
N GLY A 263 -2.43 -22.57 -18.91
CA GLY A 263 -2.86 -22.24 -20.26
C GLY A 263 -3.60 -20.92 -20.42
N ASP A 264 -3.25 -19.92 -19.62
CA ASP A 264 -3.80 -18.59 -19.85
C ASP A 264 -3.10 -17.93 -21.03
N HIS A 265 -3.79 -16.97 -21.65
CA HIS A 265 -3.17 -16.12 -22.65
C HIS A 265 -2.49 -14.96 -21.95
N ILE A 266 -1.23 -14.71 -22.29
CA ILE A 266 -0.34 -13.84 -21.52
C ILE A 266 0.01 -12.62 -22.36
N TYR A 267 -0.53 -11.46 -21.97
CA TYR A 267 -0.24 -10.23 -22.69
C TYR A 267 1.21 -9.82 -22.54
N GLY A 268 1.84 -10.10 -21.40
CA GLY A 268 3.22 -9.73 -21.17
C GLY A 268 3.69 -10.28 -19.84
N VAL A 269 4.98 -10.05 -19.54
CA VAL A 269 5.58 -10.47 -18.29
C VAL A 269 6.25 -9.26 -17.63
N ILE A 270 5.88 -8.99 -16.38
CA ILE A 270 6.61 -8.05 -15.55
C ILE A 270 7.85 -8.75 -15.03
N LYS A 271 9.02 -8.21 -15.38
CA LYS A 271 10.30 -8.76 -14.96
C LYS A 271 10.92 -8.00 -13.80
N GLY A 272 10.61 -6.72 -13.67
CA GLY A 272 11.19 -5.92 -12.61
C GLY A 272 10.30 -4.74 -12.25
N SER A 273 10.42 -4.28 -11.02
CA SER A 273 9.62 -3.15 -10.54
C SER A 273 10.37 -2.46 -9.42
N ALA A 274 10.21 -1.14 -9.34
CA ALA A 274 10.87 -0.37 -8.30
C ALA A 274 10.06 0.88 -7.98
N ILE A 275 10.09 1.27 -6.71
CA ILE A 275 9.50 2.51 -6.22
C ILE A 275 10.44 3.11 -5.19
N ASN A 276 10.50 4.44 -5.15
CA ASN A 276 11.32 5.14 -4.17
C ASN A 276 10.85 6.60 -4.10
N HIS A 277 11.63 7.44 -3.41
CA HIS A 277 11.29 8.85 -3.27
C HIS A 277 12.54 9.70 -3.45
N GLY A 278 12.31 10.97 -3.81
CA GLY A 278 13.42 11.85 -4.14
C GLY A 278 14.22 12.31 -2.93
N GLY A 279 13.53 12.70 -1.86
CA GLY A 279 14.19 13.29 -0.72
C GLY A 279 14.16 14.80 -0.76
N LYS A 280 15.02 15.40 0.07
CA LYS A 280 15.14 16.86 0.12
C LYS A 280 15.70 17.36 -1.20
N THR A 281 14.82 17.67 -2.15
CA THR A 281 15.22 18.27 -3.41
C THR A 281 15.29 19.79 -3.27
N ASN A 282 15.78 20.44 -4.31
CA ASN A 282 15.87 21.91 -4.34
C ASN A 282 14.48 22.49 -4.57
N GLY A 283 13.61 22.28 -3.58
CA GLY A 283 12.22 22.71 -3.67
C GLY A 283 11.24 21.56 -3.63
N TYR A 284 10.05 21.80 -3.09
CA TYR A 284 9.01 20.78 -3.01
C TYR A 284 8.23 20.72 -4.32
N THR A 285 7.86 19.50 -4.72
CA THR A 285 7.27 19.16 -6.02
C THR A 285 8.32 19.14 -7.12
N VAL A 286 9.58 19.48 -6.82
CA VAL A 286 10.66 19.46 -7.80
C VAL A 286 11.28 18.07 -7.78
N PRO A 287 11.43 17.39 -8.92
CA PRO A 287 11.95 16.03 -8.92
C PRO A 287 13.47 15.97 -8.88
N ASN A 288 13.97 14.92 -8.23
CA ASN A 288 15.41 14.69 -8.15
C ASN A 288 15.82 13.74 -9.26
N PRO A 289 16.59 14.19 -10.27
CA PRO A 289 16.98 13.27 -11.34
C PRO A 289 17.82 12.10 -10.84
N HIS A 290 18.68 12.32 -9.84
CA HIS A 290 19.45 11.21 -9.29
C HIS A 290 18.53 10.13 -8.75
N SER A 291 17.41 10.53 -8.15
CA SER A 291 16.47 9.54 -7.63
C SER A 291 15.81 8.75 -8.75
N GLN A 292 15.45 9.41 -9.85
CA GLN A 292 14.86 8.70 -10.98
C GLN A 292 15.86 7.72 -11.58
N SER A 293 17.11 8.17 -11.78
CA SER A 293 18.14 7.25 -12.27
C SER A 293 18.30 6.07 -11.34
N ARG A 294 18.27 6.31 -10.02
CA ARG A 294 18.46 5.26 -9.05
C ARG A 294 17.30 4.26 -9.07
N VAL A 295 16.06 4.76 -9.15
CA VAL A 295 14.91 3.87 -9.18
C VAL A 295 14.93 3.02 -10.46
N ILE A 296 15.30 3.64 -11.59
CA ILE A 296 15.30 2.90 -12.86
C ILE A 296 16.39 1.83 -12.84
N ARG A 297 17.59 2.18 -12.34
CA ARG A 297 18.61 1.16 -12.17
C ARG A 297 18.10 0.02 -11.29
N ARG A 298 17.55 0.34 -10.11
CA ARG A 298 17.05 -0.69 -9.21
C ARG A 298 16.03 -1.59 -9.89
N ALA A 299 15.16 -1.00 -10.71
CA ALA A 299 14.15 -1.79 -11.42
C ALA A 299 14.79 -2.76 -12.40
N PHE A 300 15.65 -2.24 -13.28
CA PHE A 300 16.28 -3.12 -14.26
C PHE A 300 17.14 -4.17 -13.58
N GLU A 301 17.77 -3.83 -12.45
CA GLU A 301 18.53 -4.82 -11.71
C GLU A 301 17.62 -5.94 -11.22
N GLU A 302 16.51 -5.58 -10.57
CA GLU A 302 15.54 -6.61 -10.19
C GLU A 302 15.15 -7.47 -11.40
N ALA A 303 15.09 -6.86 -12.59
CA ALA A 303 14.68 -7.59 -13.78
C ALA A 303 15.82 -8.38 -14.40
N GLY A 304 17.06 -8.15 -13.99
CA GLY A 304 18.18 -8.79 -14.63
C GLY A 304 18.18 -8.53 -16.11
N ILE A 305 17.97 -7.26 -16.49
CA ILE A 305 17.85 -6.84 -17.88
C ILE A 305 18.80 -5.68 -18.13
N HIS A 306 19.67 -5.83 -19.14
CA HIS A 306 20.63 -4.80 -19.51
C HIS A 306 19.93 -3.68 -20.27
N PRO A 307 20.09 -2.42 -19.87
CA PRO A 307 19.28 -1.35 -20.48
C PRO A 307 19.46 -1.20 -21.99
N ARG A 308 20.51 -1.77 -22.59
CA ARG A 308 20.65 -1.69 -24.04
C ARG A 308 19.61 -2.55 -24.76
N THR A 309 19.24 -3.68 -24.17
CA THR A 309 18.17 -4.52 -24.71
C THR A 309 16.83 -3.81 -24.75
N VAL A 310 16.68 -2.67 -24.07
CA VAL A 310 15.42 -1.97 -24.02
C VAL A 310 15.09 -1.39 -25.40
N SER A 311 13.81 -1.40 -25.76
CA SER A 311 13.36 -0.99 -27.08
C SER A 311 12.34 0.15 -27.04
N TYR A 312 11.53 0.25 -25.98
CA TYR A 312 10.58 1.34 -25.81
C TYR A 312 10.54 1.77 -24.36
N ILE A 313 10.26 3.05 -24.15
CA ILE A 313 10.11 3.64 -22.82
C ILE A 313 8.85 4.49 -22.84
N GLU A 314 7.82 4.05 -22.12
CA GLU A 314 6.70 4.92 -21.85
C GLU A 314 7.15 5.95 -20.82
N ALA A 315 7.14 7.22 -21.20
CA ALA A 315 7.65 8.27 -20.32
C ALA A 315 6.51 8.84 -19.47
N HIS A 316 6.89 9.45 -18.36
CA HIS A 316 5.89 10.01 -17.47
C HIS A 316 5.16 11.18 -18.12
N GLY A 317 5.92 12.16 -18.62
CA GLY A 317 5.34 13.38 -19.14
C GLY A 317 5.46 13.52 -20.65
N THR A 318 4.76 14.52 -21.17
CA THR A 318 4.80 14.85 -22.58
C THR A 318 5.98 15.78 -22.82
N GLY A 319 6.08 16.34 -24.03
CA GLY A 319 7.25 17.14 -24.37
C GLY A 319 7.22 18.54 -23.78
N THR A 320 6.03 19.13 -23.67
CA THR A 320 5.90 20.46 -23.08
C THR A 320 5.97 20.46 -21.56
N SER A 321 5.68 19.34 -20.90
CA SER A 321 5.69 19.31 -19.45
C SER A 321 6.98 19.92 -18.91
N LEU A 322 6.85 20.72 -17.85
CA LEU A 322 7.96 21.54 -17.40
C LEU A 322 9.16 20.70 -16.98
N GLY A 323 8.91 19.59 -16.28
CA GLY A 323 10.00 18.77 -15.77
C GLY A 323 10.26 17.53 -16.59
N ASP A 324 9.93 17.59 -17.88
CA ASP A 324 10.20 16.48 -18.77
C ASP A 324 11.69 16.43 -19.11
N PRO A 325 12.38 17.57 -19.26
CA PRO A 325 13.84 17.50 -19.41
C PRO A 325 14.51 16.67 -18.33
N ILE A 326 14.24 16.99 -17.06
CA ILE A 326 14.83 16.24 -15.95
C ILE A 326 14.63 14.75 -16.18
N GLU A 327 13.40 14.34 -16.46
CA GLU A 327 13.11 12.93 -16.64
C GLU A 327 14.10 12.32 -17.64
N ILE A 328 14.17 12.89 -18.84
CA ILE A 328 15.04 12.31 -19.86
C ILE A 328 16.46 12.23 -19.32
N ALA A 329 16.95 13.34 -18.76
CA ALA A 329 18.31 13.35 -18.25
C ALA A 329 18.53 12.19 -17.30
N GLY A 330 17.60 12.00 -16.36
CA GLY A 330 17.78 10.94 -15.40
C GLY A 330 17.94 9.60 -16.08
N LEU A 331 17.00 9.26 -16.96
CA LEU A 331 17.10 8.01 -17.69
C LEU A 331 18.48 7.89 -18.33
N THR A 332 18.89 8.93 -19.06
CA THR A 332 20.13 8.83 -19.80
C THR A 332 21.29 8.52 -18.87
N LYS A 333 21.33 9.17 -17.70
CA LYS A 333 22.42 8.90 -16.78
C LYS A 333 22.46 7.42 -16.43
N THR A 334 21.33 6.85 -16.00
CA THR A 334 21.34 5.46 -15.58
C THR A 334 21.55 4.53 -16.77
N PHE A 335 21.36 5.04 -17.99
CA PHE A 335 21.68 4.25 -19.17
C PHE A 335 23.18 4.31 -19.46
N GLN A 336 23.79 5.48 -19.29
CA GLN A 336 25.21 5.63 -19.63
C GLN A 336 26.10 4.80 -18.73
N GLU A 337 25.61 4.38 -17.56
CA GLU A 337 26.40 3.49 -16.71
C GLU A 337 26.62 2.14 -17.38
N TYR A 338 25.64 1.67 -18.16
CA TYR A 338 25.72 0.35 -18.77
C TYR A 338 26.15 0.37 -20.22
N THR A 339 25.85 1.42 -20.97
CA THR A 339 26.32 1.55 -22.34
C THR A 339 26.25 3.02 -22.76
N LYS A 340 27.22 3.43 -23.57
CA LYS A 340 27.37 4.83 -23.96
C LYS A 340 26.70 5.12 -25.31
N GLU A 341 26.08 4.13 -25.93
CA GLU A 341 25.44 4.31 -27.23
C GLU A 341 24.28 5.28 -27.15
N ASN A 342 23.91 5.83 -28.32
CA ASN A 342 22.87 6.83 -28.43
C ASN A 342 21.82 6.40 -29.45
N GLN A 343 20.67 7.08 -29.42
CA GLN A 343 19.55 6.86 -30.31
C GLN A 343 19.35 5.40 -30.73
N PHE A 344 18.99 4.53 -29.78
CA PHE A 344 18.67 3.15 -30.11
C PHE A 344 17.34 2.66 -29.54
N CYS A 345 16.71 3.38 -28.62
CA CYS A 345 15.50 2.93 -27.97
C CYS A 345 14.37 3.92 -28.22
N ALA A 346 13.19 3.40 -28.55
CA ALA A 346 12.03 4.26 -28.80
C ALA A 346 11.48 4.80 -27.49
N ILE A 347 10.80 5.94 -27.57
CA ILE A 347 10.25 6.57 -26.36
C ILE A 347 9.02 7.38 -26.74
N GLY A 348 8.00 7.32 -25.88
CA GLY A 348 6.77 8.04 -26.10
C GLY A 348 5.97 8.11 -24.81
N SER A 349 4.83 8.79 -24.89
CA SER A 349 3.93 8.95 -23.76
C SER A 349 2.50 9.00 -24.26
N ALA A 350 1.62 8.19 -23.65
CA ALA A 350 0.21 8.19 -24.03
C ALA A 350 -0.54 9.40 -23.49
N LYS A 351 0.03 10.11 -22.52
CA LYS A 351 -0.64 11.29 -21.96
C LYS A 351 -0.71 12.45 -22.93
N SER A 352 0.07 12.41 -24.02
CA SER A 352 -0.12 13.37 -25.10
C SER A 352 -1.40 13.10 -25.89
N ASN A 353 -1.91 11.87 -25.86
CA ASN A 353 -3.14 11.52 -26.56
C ASN A 353 -4.40 11.72 -25.73
N ILE A 354 -4.34 11.40 -24.43
CA ILE A 354 -5.54 11.37 -23.60
C ILE A 354 -5.34 12.19 -22.34
N GLY A 355 -4.24 12.93 -22.27
CA GLY A 355 -3.97 13.80 -21.15
C GLY A 355 -3.38 13.09 -19.96
N HIS A 356 -3.16 13.84 -18.90
CA HIS A 356 -2.55 13.33 -17.67
C HIS A 356 -3.66 12.85 -16.74
N GLY A 357 -3.75 11.54 -16.55
CA GLY A 357 -4.72 10.99 -15.62
C GLY A 357 -4.10 10.53 -14.33
N GLU A 358 -2.78 10.66 -14.20
CA GLU A 358 -2.12 10.39 -12.92
C GLU A 358 -2.21 8.90 -12.65
N SER A 359 -3.21 8.45 -11.90
CA SER A 359 -3.40 7.01 -11.71
C SER A 359 -3.86 6.36 -13.01
N ALA A 360 -4.95 6.87 -13.58
CA ALA A 360 -5.37 6.42 -14.89
C ALA A 360 -4.22 6.46 -15.87
N ALA A 361 -3.31 7.44 -15.71
CA ALA A 361 -2.18 7.55 -16.61
C ALA A 361 -1.20 6.39 -16.45
N GLY A 362 -0.91 5.99 -15.20
CA GLY A 362 -0.07 4.82 -15.01
C GLY A 362 -0.66 3.57 -15.64
N ILE A 363 -1.94 3.29 -15.37
CA ILE A 363 -2.52 2.09 -15.94
C ILE A 363 -2.60 2.20 -17.46
N ALA A 364 -2.79 3.43 -17.98
CA ALA A 364 -2.91 3.60 -19.43
C ALA A 364 -1.56 3.40 -20.10
N GLY A 365 -0.47 3.87 -19.47
CA GLY A 365 0.85 3.61 -20.01
C GLY A 365 1.14 2.13 -20.08
N LEU A 366 0.84 1.41 -18.99
CA LEU A 366 1.01 -0.04 -19.01
C LEU A 366 0.21 -0.68 -20.13
N THR A 367 -1.04 -0.24 -20.31
CA THR A 367 -1.87 -0.80 -21.37
C THR A 367 -1.30 -0.49 -22.75
N LYS A 368 -0.78 0.72 -22.95
CA LYS A 368 -0.18 1.07 -24.23
C LYS A 368 1.01 0.17 -24.52
N ILE A 369 1.87 -0.05 -23.53
CA ILE A 369 3.00 -0.95 -23.74
C ILE A 369 2.50 -2.34 -24.11
N LEU A 370 1.48 -2.84 -23.42
CA LEU A 370 1.02 -4.20 -23.69
C LEU A 370 0.38 -4.33 -25.07
N LEU A 371 -0.32 -3.29 -25.51
CA LEU A 371 -0.91 -3.34 -26.85
C LEU A 371 0.17 -3.25 -27.92
N GLN A 372 1.15 -2.36 -27.74
CA GLN A 372 2.30 -2.32 -28.63
C GLN A 372 2.94 -3.70 -28.74
N MET A 373 3.10 -4.40 -27.60
CA MET A 373 3.70 -5.72 -27.65
C MET A 373 2.81 -6.71 -28.39
N LYS A 374 1.49 -6.61 -28.20
CA LYS A 374 0.57 -7.53 -28.88
C LYS A 374 0.65 -7.37 -30.38
N TYR A 375 0.34 -6.17 -30.89
CA TYR A 375 0.31 -5.94 -32.33
C TYR A 375 1.68 -5.61 -32.91
N LYS A 376 2.74 -5.74 -32.12
CA LYS A 376 4.12 -5.66 -32.61
C LYS A 376 4.35 -4.38 -33.43
N ARG A 377 3.98 -3.25 -32.83
CA ARG A 377 4.04 -1.95 -33.49
C ARG A 377 4.26 -0.85 -32.46
N LEU A 378 5.22 0.03 -32.72
CA LEU A 378 5.36 1.24 -31.93
C LEU A 378 4.41 2.30 -32.47
N VAL A 379 3.60 2.88 -31.60
CA VAL A 379 2.67 3.93 -32.04
C VAL A 379 3.33 5.28 -31.77
N PRO A 380 2.82 6.37 -32.35
CA PRO A 380 3.39 7.69 -32.08
C PRO A 380 2.79 8.37 -30.87
N SER A 381 3.62 9.17 -30.21
CA SER A 381 3.16 10.14 -29.22
C SER A 381 2.94 11.46 -29.94
N LEU A 382 1.78 12.07 -29.72
CA LEU A 382 1.36 13.19 -30.55
C LEU A 382 1.95 14.50 -30.05
N HIS A 383 1.79 15.54 -30.87
CA HIS A 383 2.29 16.88 -30.57
C HIS A 383 3.77 16.86 -30.20
N SER A 384 4.48 15.83 -30.67
CA SER A 384 5.92 15.70 -30.52
C SER A 384 6.66 16.21 -31.74
N ARG A 385 5.93 16.75 -32.72
CA ARG A 385 6.53 17.23 -33.96
C ARG A 385 7.25 18.54 -33.72
N THR A 386 8.33 18.76 -34.48
CA THR A 386 9.21 19.89 -34.21
C THR A 386 9.74 19.75 -32.79
N LEU A 387 10.75 18.90 -32.62
CA LEU A 387 11.25 18.57 -31.29
C LEU A 387 11.66 19.82 -30.53
N ASN A 388 11.36 19.83 -29.23
CA ASN A 388 11.72 20.96 -28.38
C ASN A 388 13.23 21.16 -28.40
N PRO A 389 13.71 22.40 -28.40
CA PRO A 389 15.18 22.61 -28.32
C PRO A 389 15.75 22.23 -26.97
N ASN A 390 14.95 22.22 -25.91
CA ASN A 390 15.47 21.88 -24.58
C ASN A 390 15.94 20.43 -24.51
N ILE A 391 15.38 19.56 -25.35
CA ILE A 391 15.71 18.14 -25.33
C ILE A 391 16.46 17.73 -26.60
N ASP A 392 17.78 17.75 -26.55
CA ASP A 392 18.59 17.25 -27.66
C ASP A 392 18.72 15.74 -27.50
N PHE A 393 17.74 14.99 -28.02
CA PHE A 393 17.79 13.54 -27.94
C PHE A 393 19.02 12.96 -28.60
N SER A 394 19.67 13.71 -29.50
CA SER A 394 20.80 13.17 -30.27
C SER A 394 21.86 12.55 -29.39
N LYS A 395 22.06 13.06 -28.18
CA LYS A 395 23.08 12.54 -27.28
C LYS A 395 22.52 11.56 -26.26
N THR A 396 21.31 11.07 -26.46
CA THR A 396 20.66 10.14 -25.55
C THR A 396 20.21 8.91 -26.32
N PRO A 397 19.99 7.79 -25.63
CA PRO A 397 19.63 6.55 -26.33
C PRO A 397 18.15 6.48 -26.67
N PHE A 398 17.52 7.63 -26.90
CA PHE A 398 16.06 7.69 -26.98
C PHE A 398 15.63 8.46 -28.22
N VAL A 399 14.79 7.81 -29.02
CA VAL A 399 14.24 8.36 -30.26
C VAL A 399 12.74 8.52 -30.08
N VAL A 400 12.23 9.70 -30.42
CA VAL A 400 10.81 10.00 -30.25
C VAL A 400 10.04 9.38 -31.41
N GLN A 401 9.20 8.39 -31.11
CA GLN A 401 8.38 7.77 -32.14
C GLN A 401 7.43 8.81 -32.74
N GLN A 402 7.66 9.21 -33.98
CA GLN A 402 6.80 10.16 -34.67
C GLN A 402 5.79 9.48 -35.56
N GLU A 403 6.19 8.41 -36.24
CA GLU A 403 5.33 7.63 -37.11
C GLU A 403 5.01 6.29 -36.46
N LEU A 404 3.91 5.69 -36.92
CA LEU A 404 3.66 4.28 -36.61
C LEU A 404 4.66 3.41 -37.35
N ALA A 405 5.31 2.50 -36.63
CA ALA A 405 6.38 1.70 -37.19
C ALA A 405 6.37 0.32 -36.55
N GLU A 406 7.02 -0.63 -37.21
CA GLU A 406 7.13 -1.98 -36.68
C GLU A 406 8.09 -2.03 -35.50
N TRP A 407 7.68 -2.74 -34.46
CA TRP A 407 8.49 -2.95 -33.26
C TRP A 407 9.20 -4.28 -33.43
N LYS A 408 10.43 -4.23 -33.96
CA LYS A 408 11.20 -5.42 -34.28
C LYS A 408 12.05 -5.86 -33.09
N ARG A 409 12.14 -7.18 -32.88
CA ARG A 409 13.02 -7.74 -31.87
C ARG A 409 14.44 -7.36 -32.25
N PRO A 410 15.13 -6.53 -31.46
CA PRO A 410 16.45 -6.06 -31.87
C PRO A 410 17.55 -7.10 -31.72
N VAL A 411 18.51 -7.04 -32.65
CA VAL A 411 19.75 -7.80 -32.56
C VAL A 411 20.85 -6.82 -32.17
N ILE A 412 21.64 -7.18 -31.16
CA ILE A 412 22.60 -6.26 -30.55
C ILE A 412 23.86 -7.03 -30.16
N GLU A 413 24.99 -6.32 -30.20
CA GLU A 413 26.26 -6.81 -29.69
C GLU A 413 26.52 -6.16 -28.35
N ILE A 414 26.75 -6.98 -27.32
CA ILE A 414 26.90 -6.51 -25.94
C ILE A 414 27.98 -7.34 -25.28
N ASP A 415 29.03 -6.68 -24.80
CA ASP A 415 30.17 -7.37 -24.19
C ASP A 415 30.67 -8.49 -25.08
N GLY A 416 30.69 -8.22 -26.39
CA GLY A 416 31.18 -9.18 -27.34
C GLY A 416 30.26 -10.36 -27.60
N VAL A 417 28.97 -10.23 -27.31
CA VAL A 417 27.98 -11.26 -27.59
C VAL A 417 26.93 -10.66 -28.51
N THR A 418 26.82 -11.21 -29.72
CA THR A 418 25.85 -10.77 -30.71
C THR A 418 24.63 -11.66 -30.64
N ARG A 419 23.47 -11.09 -30.33
CA ARG A 419 22.29 -11.90 -30.07
C ARG A 419 21.03 -11.09 -30.36
N GLU A 420 19.94 -11.80 -30.66
CA GLU A 420 18.62 -11.20 -30.75
C GLU A 420 17.95 -11.18 -29.38
N TYR A 421 17.42 -10.02 -28.99
CA TYR A 421 16.72 -9.87 -27.73
C TYR A 421 15.24 -9.58 -27.97
N ALA A 422 14.43 -9.86 -26.96
CA ALA A 422 12.98 -9.75 -27.07
C ALA A 422 12.54 -8.30 -26.99
N ARG A 423 11.27 -8.06 -27.31
CA ARG A 423 10.67 -6.74 -27.17
C ARG A 423 10.58 -6.42 -25.68
N ILE A 424 11.38 -5.45 -25.24
CA ILE A 424 11.49 -5.07 -23.83
C ILE A 424 11.12 -3.61 -23.71
N ALA A 425 10.44 -3.26 -22.64
CA ALA A 425 9.97 -1.90 -22.45
C ALA A 425 10.04 -1.52 -20.99
N GLY A 426 10.26 -0.24 -20.76
CA GLY A 426 10.19 0.32 -19.42
C GLY A 426 9.11 1.38 -19.37
N ILE A 427 8.55 1.58 -18.20
CA ILE A 427 7.56 2.64 -18.00
C ILE A 427 7.89 3.35 -16.69
N SER A 428 7.70 4.66 -16.68
CA SER A 428 8.01 5.51 -15.55
C SER A 428 6.77 6.33 -15.21
N SER A 429 6.44 6.39 -13.92
CA SER A 429 5.44 7.31 -13.41
C SER A 429 6.01 7.96 -12.16
N PHE A 430 6.20 9.27 -12.21
CA PHE A 430 6.78 10.03 -11.10
C PHE A 430 5.69 10.90 -10.48
N GLY A 431 5.49 10.74 -9.17
CA GLY A 431 4.47 11.50 -8.48
C GLY A 431 4.91 12.93 -8.20
N ALA A 432 3.94 13.85 -8.27
CA ALA A 432 4.24 15.24 -8.00
C ALA A 432 4.97 15.41 -6.67
N GLY A 433 4.59 14.60 -5.67
CA GLY A 433 5.24 14.67 -4.37
C GLY A 433 6.62 14.07 -4.33
N GLY A 434 6.94 13.18 -5.27
CA GLY A 434 8.27 12.59 -5.31
C GLY A 434 8.26 11.08 -5.33
N ALA A 435 7.07 10.48 -5.33
CA ALA A 435 6.94 9.02 -5.33
C ALA A 435 7.18 8.53 -6.76
N ASN A 436 8.41 8.11 -7.03
CA ASN A 436 8.78 7.62 -8.35
C ASN A 436 8.52 6.12 -8.43
N ALA A 437 8.19 5.66 -9.64
CA ALA A 437 7.96 4.23 -9.85
C ALA A 437 8.33 3.89 -11.29
N HIS A 438 8.92 2.72 -11.46
CA HIS A 438 9.33 2.24 -12.78
C HIS A 438 9.08 0.74 -12.88
N LEU A 439 8.60 0.32 -14.05
CA LEU A 439 8.35 -1.09 -14.33
C LEU A 439 9.09 -1.51 -15.59
N VAL A 440 9.42 -2.80 -15.64
CA VAL A 440 10.17 -3.42 -16.73
C VAL A 440 9.37 -4.61 -17.22
N ILE A 441 9.11 -4.65 -18.53
CA ILE A 441 8.15 -5.57 -19.11
C ILE A 441 8.77 -6.22 -20.33
N GLU A 442 8.59 -7.53 -20.44
CA GLU A 442 9.07 -8.32 -21.56
C GLU A 442 7.87 -9.00 -22.21
N GLU A 443 7.90 -9.15 -23.53
CA GLU A 443 6.82 -9.88 -24.18
C GLU A 443 6.91 -11.36 -23.83
N TYR A 444 5.77 -12.05 -23.99
CA TYR A 444 5.70 -13.49 -23.77
C TYR A 444 5.82 -14.23 -25.08
N ILE A 445 6.47 -15.40 -25.04
CA ILE A 445 6.73 -16.22 -26.22
C ILE A 445 6.55 -17.67 -25.81
N GLU A 446 5.54 -18.33 -26.37
CA GLU A 446 5.26 -19.72 -26.02
C GLU A 446 6.39 -20.61 -26.54
N ALA A 447 6.93 -21.46 -25.67
CA ALA A 447 8.02 -22.34 -26.07
C ALA A 447 7.52 -23.41 -27.03
N GLU A 448 6.56 -24.23 -26.59
CA GLU A 448 5.95 -25.22 -27.46
C GLU A 448 4.51 -25.38 -27.01
N HIS A 449 3.57 -25.18 -27.94
CA HIS A 449 2.16 -25.37 -27.65
C HIS A 449 1.36 -25.04 -28.91
N ARG A 450 0.36 -25.87 -29.23
CA ARG A 450 -0.52 -25.60 -30.35
C ARG A 450 -1.77 -26.45 -30.19
N PRO A 451 -2.96 -25.94 -30.52
CA PRO A 451 -4.15 -26.79 -30.56
C PRO A 451 -4.28 -27.43 -31.92
N PRO A 452 -4.16 -28.76 -32.03
CA PRO A 452 -4.13 -29.40 -33.36
C PRO A 452 -5.50 -29.49 -34.01
N SER A 453 -6.34 -28.47 -33.80
CA SER A 453 -7.66 -28.38 -34.41
C SER A 453 -8.42 -29.71 -34.29
N SER A 454 -8.62 -30.12 -33.04
CA SER A 454 -9.34 -31.35 -32.75
C SER A 454 -10.79 -31.31 -33.21
N ILE A 455 -11.31 -30.15 -33.62
CA ILE A 455 -12.73 -30.02 -33.91
C ILE A 455 -13.08 -30.85 -35.12
N SER A 456 -14.18 -31.61 -35.02
CA SER A 456 -14.68 -32.43 -36.12
C SER A 456 -16.13 -32.79 -35.79
N SER A 457 -16.73 -33.66 -36.62
CA SER A 457 -18.08 -34.12 -36.35
C SER A 457 -18.13 -35.11 -35.20
N LYS A 458 -17.07 -35.90 -35.01
CA LYS A 458 -17.05 -36.83 -33.88
C LYS A 458 -17.00 -36.07 -32.56
N ASN A 459 -16.17 -35.04 -32.45
CA ASN A 459 -16.01 -34.26 -31.24
C ASN A 459 -16.04 -32.77 -31.61
N PRO A 460 -17.21 -32.14 -31.57
CA PRO A 460 -17.35 -30.77 -32.07
C PRO A 460 -17.19 -29.71 -30.98
N ALA A 461 -17.19 -28.46 -31.44
CA ALA A 461 -17.19 -27.31 -30.54
C ALA A 461 -18.59 -27.03 -30.00
N VAL A 462 -18.65 -26.58 -28.75
CA VAL A 462 -19.92 -26.39 -28.05
C VAL A 462 -19.96 -24.93 -27.57
N ILE A 463 -20.48 -24.04 -28.41
CA ILE A 463 -20.45 -22.61 -28.11
C ILE A 463 -21.69 -22.27 -27.29
N VAL A 464 -21.49 -21.47 -26.23
CA VAL A 464 -22.55 -21.16 -25.27
C VAL A 464 -22.38 -19.74 -24.78
N LEU A 465 -23.44 -18.95 -24.87
CA LEU A 465 -23.48 -17.60 -24.31
C LEU A 465 -24.64 -17.49 -23.32
N SER A 466 -24.56 -16.48 -22.47
CA SER A 466 -25.54 -16.30 -21.41
C SER A 466 -25.49 -14.86 -20.91
N ALA A 467 -26.65 -14.33 -20.54
CA ALA A 467 -26.75 -12.97 -20.02
C ALA A 467 -27.92 -12.91 -19.06
N LYS A 468 -28.04 -11.78 -18.36
CA LYS A 468 -29.09 -11.63 -17.36
C LYS A 468 -30.48 -11.51 -17.99
N ASN A 469 -30.58 -11.28 -19.30
CA ASN A 469 -31.86 -11.16 -19.98
C ASN A 469 -31.60 -11.29 -21.48
N LYS A 470 -32.61 -11.00 -22.29
CA LYS A 470 -32.49 -11.23 -23.73
C LYS A 470 -31.82 -10.06 -24.45
N ASP A 471 -32.11 -8.82 -24.05
CA ASP A 471 -31.38 -7.69 -24.61
C ASP A 471 -29.87 -7.94 -24.56
N ARG A 472 -29.37 -8.28 -23.37
CA ARG A 472 -27.93 -8.46 -23.19
C ARG A 472 -27.43 -9.73 -23.88
N LEU A 473 -28.25 -10.78 -23.94
CA LEU A 473 -27.84 -11.99 -24.64
C LEU A 473 -27.66 -11.74 -26.13
N ARG A 474 -28.59 -11.00 -26.72
CA ARG A 474 -28.48 -10.64 -28.13
C ARG A 474 -27.28 -9.71 -28.37
N GLU A 475 -27.08 -8.73 -27.48
CA GLU A 475 -25.88 -7.91 -27.60
C GLU A 475 -24.62 -8.76 -27.52
N GLN A 476 -24.65 -9.83 -26.72
CA GLN A 476 -23.47 -10.69 -26.59
C GLN A 476 -23.23 -11.46 -27.88
N VAL A 477 -24.28 -12.04 -28.46
CA VAL A 477 -24.13 -12.71 -29.75
C VAL A 477 -23.55 -11.75 -30.77
N GLN A 478 -24.08 -10.52 -30.82
CA GLN A 478 -23.59 -9.51 -31.75
C GLN A 478 -22.11 -9.24 -31.55
N ARG A 479 -21.71 -8.96 -30.31
CA ARG A 479 -20.31 -8.63 -30.03
C ARG A 479 -19.40 -9.81 -30.29
N LEU A 480 -19.88 -11.04 -30.07
CA LEU A 480 -19.08 -12.21 -30.40
C LEU A 480 -18.83 -12.31 -31.90
N LEU A 481 -19.87 -12.07 -32.71
CA LEU A 481 -19.69 -12.10 -34.16
C LEU A 481 -18.69 -11.03 -34.60
N SER A 482 -18.90 -9.80 -34.14
CA SER A 482 -18.00 -8.71 -34.52
C SER A 482 -16.57 -8.98 -34.05
N ALA A 483 -16.40 -9.71 -32.95
CA ALA A 483 -15.06 -10.03 -32.48
C ALA A 483 -14.42 -11.11 -33.33
N ILE A 484 -15.16 -12.17 -33.67
CA ILE A 484 -14.62 -13.17 -34.58
C ILE A 484 -14.20 -12.53 -35.90
N ARG A 485 -14.84 -11.43 -36.27
CA ARG A 485 -14.44 -10.78 -37.53
C ARG A 485 -13.26 -9.84 -37.36
N GLU A 486 -13.37 -8.83 -36.48
CA GLU A 486 -12.27 -7.88 -36.36
C GLU A 486 -11.00 -8.53 -35.82
N GLN A 487 -11.12 -9.65 -35.10
CA GLN A 487 -9.94 -10.37 -34.63
C GLN A 487 -9.53 -11.49 -35.56
N VAL A 488 -10.41 -11.92 -36.46
CA VAL A 488 -10.07 -12.88 -37.51
C VAL A 488 -9.67 -14.21 -36.88
N LEU A 489 -10.60 -14.85 -36.21
CA LEU A 489 -10.34 -16.16 -35.61
C LEU A 489 -10.64 -17.25 -36.64
N THR A 490 -10.10 -18.43 -36.39
CA THR A 490 -10.08 -19.50 -37.38
C THR A 490 -10.53 -20.81 -36.75
N ASP A 491 -10.64 -21.84 -37.58
CA ASP A 491 -11.07 -23.16 -37.10
C ASP A 491 -10.14 -23.71 -36.03
N ASN A 492 -8.91 -23.20 -35.93
CA ASN A 492 -8.02 -23.66 -34.87
C ASN A 492 -8.40 -23.08 -33.52
N ASP A 493 -8.92 -21.86 -33.50
CA ASP A 493 -9.32 -21.19 -32.27
C ASP A 493 -10.70 -21.64 -31.78
N LEU A 494 -11.42 -22.45 -32.57
CA LEU A 494 -12.73 -22.91 -32.14
C LEU A 494 -12.68 -23.59 -30.78
N ALA A 495 -11.78 -24.56 -30.62
CA ALA A 495 -11.60 -25.19 -29.31
C ALA A 495 -11.42 -24.14 -28.23
N GLU A 496 -10.53 -23.20 -28.47
CA GLU A 496 -10.21 -22.19 -27.46
C GLU A 496 -11.38 -21.23 -27.24
N ILE A 497 -12.04 -20.80 -28.32
CA ILE A 497 -13.22 -19.95 -28.18
C ILE A 497 -14.27 -20.63 -27.31
N ALA A 498 -14.66 -21.85 -27.70
CA ALA A 498 -15.60 -22.64 -26.92
C ALA A 498 -15.19 -22.72 -25.45
N TYR A 499 -13.93 -23.08 -25.19
CA TYR A 499 -13.46 -23.22 -23.81
C TYR A 499 -13.62 -21.93 -23.03
N THR A 500 -13.14 -20.82 -23.60
CA THR A 500 -13.21 -19.54 -22.89
C THR A 500 -14.65 -19.18 -22.59
N LEU A 501 -15.55 -19.40 -23.55
CA LEU A 501 -16.96 -19.10 -23.30
C LEU A 501 -17.58 -20.06 -22.29
N GLN A 502 -17.00 -21.26 -22.13
CA GLN A 502 -17.57 -22.26 -21.23
C GLN A 502 -17.16 -22.00 -19.78
N VAL A 503 -15.87 -21.78 -19.53
CA VAL A 503 -15.39 -21.62 -18.17
C VAL A 503 -15.18 -20.14 -17.86
N GLY A 504 -14.80 -19.36 -18.85
CA GLY A 504 -14.50 -17.96 -18.64
C GLY A 504 -15.70 -17.04 -18.68
N ARG A 505 -16.90 -17.61 -18.72
CA ARG A 505 -18.13 -16.83 -18.63
C ARG A 505 -19.00 -17.43 -17.54
N GLU A 506 -19.68 -16.56 -16.81
CA GLU A 506 -20.51 -16.94 -15.67
C GLU A 506 -21.90 -17.29 -16.18
N ALA A 507 -22.48 -18.36 -15.64
CA ALA A 507 -23.77 -18.83 -16.12
C ALA A 507 -24.88 -17.89 -15.66
N MET A 508 -25.65 -17.37 -16.61
CA MET A 508 -26.64 -16.34 -16.35
C MET A 508 -28.04 -16.92 -16.53
N GLU A 509 -29.04 -16.05 -16.47
CA GLU A 509 -30.43 -16.50 -16.45
C GLU A 509 -30.93 -16.84 -17.85
N GLU A 510 -30.57 -16.04 -18.85
CA GLU A 510 -30.97 -16.25 -20.24
C GLU A 510 -29.80 -16.88 -20.99
N ARG A 511 -30.05 -17.98 -21.70
CA ARG A 511 -28.98 -18.82 -22.21
C ARG A 511 -29.22 -19.23 -23.66
N PHE A 512 -28.12 -19.34 -24.42
CA PHE A 512 -28.15 -19.72 -25.82
C PHE A 512 -26.91 -20.56 -26.13
N ALA A 513 -27.08 -21.53 -27.02
CA ALA A 513 -25.99 -22.47 -27.30
C ALA A 513 -26.16 -23.12 -28.66
N VAL A 514 -25.03 -23.54 -29.23
CA VAL A 514 -25.00 -24.23 -30.51
C VAL A 514 -23.86 -25.24 -30.50
N ILE A 515 -24.00 -26.26 -31.36
CA ILE A 515 -22.94 -27.22 -31.65
C ILE A 515 -22.39 -26.90 -33.03
N VAL A 516 -21.07 -26.88 -33.16
CA VAL A 516 -20.41 -26.31 -34.33
C VAL A 516 -19.19 -27.16 -34.67
N LYS A 517 -18.77 -27.07 -35.94
CA LYS A 517 -17.56 -27.72 -36.43
C LYS A 517 -16.58 -26.74 -37.05
N SER A 518 -17.06 -25.72 -37.76
CA SER A 518 -16.24 -24.71 -38.39
C SER A 518 -16.64 -23.33 -37.90
N ILE A 519 -15.76 -22.35 -38.13
CA ILE A 519 -16.07 -20.98 -37.74
C ILE A 519 -17.25 -20.44 -38.53
N SER A 520 -17.35 -20.81 -39.82
CA SER A 520 -18.48 -20.37 -40.63
C SER A 520 -19.80 -20.92 -40.11
N GLU A 521 -19.79 -22.16 -39.60
CA GLU A 521 -21.00 -22.71 -39.02
C GLU A 521 -21.48 -21.87 -37.84
N LEU A 522 -20.56 -21.55 -36.93
CA LEU A 522 -20.92 -20.73 -35.78
C LEU A 522 -21.37 -19.35 -36.23
N GLU A 523 -20.69 -18.75 -37.20
CA GLU A 523 -21.11 -17.46 -37.74
C GLU A 523 -22.56 -17.53 -38.24
N ALA A 524 -22.86 -18.55 -39.04
CA ALA A 524 -24.21 -18.70 -39.57
C ALA A 524 -25.23 -18.84 -38.44
N LYS A 525 -24.93 -19.67 -37.44
CA LYS A 525 -25.91 -19.90 -36.38
C LYS A 525 -26.11 -18.63 -35.53
N LEU A 526 -25.05 -17.87 -35.30
CA LEU A 526 -25.19 -16.63 -34.55
C LEU A 526 -26.03 -15.61 -35.32
N THR A 527 -25.75 -15.46 -36.62
CA THR A 527 -26.56 -14.55 -37.42
C THR A 527 -28.00 -15.03 -37.54
N TYR A 528 -28.21 -16.34 -37.50
CA TYR A 528 -29.56 -16.89 -37.47
C TYR A 528 -30.28 -16.44 -36.21
N TYR A 529 -29.70 -16.74 -35.04
CA TYR A 529 -30.28 -16.25 -33.79
C TYR A 529 -30.59 -14.77 -33.88
N LEU A 530 -29.66 -13.97 -34.43
CA LEU A 530 -29.84 -12.53 -34.44
C LEU A 530 -31.10 -12.12 -35.17
N LYS A 531 -31.43 -12.79 -36.26
CA LYS A 531 -32.67 -12.48 -36.98
C LYS A 531 -33.86 -12.99 -36.17
N ASP A 532 -34.96 -12.22 -36.21
CA ASP A 532 -36.10 -12.52 -35.37
C ASP A 532 -36.79 -13.79 -35.83
N GLU A 533 -36.40 -14.93 -35.27
CA GLU A 533 -37.08 -16.20 -35.52
C GLU A 533 -37.30 -16.94 -34.22
N ALA A 534 -38.56 -17.35 -33.99
CA ALA A 534 -38.94 -18.09 -32.78
C ALA A 534 -38.44 -19.52 -32.80
N ASP A 535 -38.02 -20.04 -33.95
CA ASP A 535 -37.64 -21.43 -34.11
C ASP A 535 -36.34 -21.50 -34.91
N SER A 536 -35.45 -22.39 -34.51
CA SER A 536 -34.12 -22.44 -35.09
C SER A 536 -33.63 -23.88 -35.20
N PRO A 537 -32.72 -24.16 -36.15
CA PRO A 537 -32.23 -25.54 -36.31
C PRO A 537 -30.98 -25.85 -35.50
N ASP A 538 -31.03 -26.82 -34.60
CA ASP A 538 -29.87 -27.15 -33.76
C ASP A 538 -29.37 -25.92 -33.02
N LEU A 539 -30.29 -25.04 -32.63
CA LEU A 539 -29.99 -23.81 -31.91
C LEU A 539 -30.77 -23.83 -30.59
N PHE A 540 -30.06 -24.10 -29.49
CA PHE A 540 -30.70 -24.35 -28.20
C PHE A 540 -30.83 -23.03 -27.45
N THR A 541 -32.06 -22.62 -27.17
CA THR A 541 -32.36 -21.46 -26.34
C THR A 541 -32.93 -21.92 -25.01
N GLY A 542 -32.86 -21.05 -24.01
CA GLY A 542 -33.51 -21.39 -22.76
C GLY A 542 -33.34 -20.31 -21.71
N GLN A 543 -34.02 -20.54 -20.59
CA GLN A 543 -33.95 -19.68 -19.42
C GLN A 543 -33.85 -20.54 -18.18
N VAL A 544 -33.67 -19.88 -17.04
CA VAL A 544 -33.69 -20.56 -15.75
C VAL A 544 -34.76 -19.99 -14.84
N LYS A 545 -35.34 -18.83 -15.20
CA LYS A 545 -36.47 -18.29 -14.45
C LYS A 545 -37.52 -19.34 -14.17
N ARG A 546 -37.83 -20.17 -15.18
CA ARG A 546 -38.95 -21.09 -15.07
C ARG A 546 -38.60 -22.37 -14.32
N ASN A 547 -37.55 -23.05 -14.75
CA ASN A 547 -37.18 -24.36 -14.20
C ASN A 547 -36.25 -24.18 -13.00
N LYS A 548 -36.68 -24.68 -11.84
CA LYS A 548 -35.88 -24.60 -10.63
C LYS A 548 -35.86 -25.95 -9.91
N GLU A 549 -37.04 -26.39 -9.44
CA GLU A 549 -37.09 -27.58 -8.60
C GLU A 549 -36.68 -28.83 -9.36
N THR A 550 -37.02 -28.92 -10.65
CA THR A 550 -36.69 -30.13 -11.41
C THR A 550 -35.21 -30.17 -11.77
N MET A 551 -34.71 -29.10 -12.38
CA MET A 551 -33.28 -29.03 -12.66
C MET A 551 -32.49 -29.18 -11.38
N ASP A 552 -33.02 -28.66 -10.27
CA ASP A 552 -32.35 -28.84 -8.98
C ASP A 552 -32.30 -30.31 -8.60
N VAL A 553 -33.46 -30.97 -8.57
CA VAL A 553 -33.50 -32.36 -8.13
C VAL A 553 -32.60 -33.23 -8.98
N PHE A 554 -32.31 -32.81 -10.22
CA PHE A 554 -31.37 -33.57 -11.04
C PHE A 554 -30.06 -33.79 -10.29
N ALA A 555 -29.29 -32.71 -10.12
CA ALA A 555 -27.97 -32.81 -9.52
C ALA A 555 -28.00 -33.46 -8.14
N ALA A 556 -29.11 -33.33 -7.40
CA ALA A 556 -29.19 -33.88 -6.06
C ALA A 556 -29.46 -35.39 -6.10
N ASP A 557 -28.54 -36.10 -6.77
CA ASP A 557 -28.59 -37.55 -6.85
C ASP A 557 -27.34 -38.05 -7.57
N GLU A 558 -26.75 -39.15 -7.06
CA GLU A 558 -25.58 -39.74 -7.69
C GLU A 558 -25.95 -40.54 -8.94
N ASP A 559 -27.08 -41.27 -8.89
CA ASP A 559 -27.50 -42.10 -10.01
C ASP A 559 -27.74 -41.26 -11.26
N LEU A 560 -28.49 -40.17 -11.11
CA LEU A 560 -28.79 -39.29 -12.24
C LEU A 560 -27.55 -38.55 -12.70
N GLN A 561 -26.64 -38.24 -11.77
CA GLN A 561 -25.36 -37.67 -12.15
C GLN A 561 -24.57 -38.63 -13.03
N GLN A 562 -24.57 -39.92 -12.69
CA GLN A 562 -23.96 -40.92 -13.55
C GLN A 562 -24.59 -40.87 -14.94
N ALA A 563 -25.90 -40.63 -15.00
CA ALA A 563 -26.56 -40.54 -16.30
C ALA A 563 -26.00 -39.38 -17.12
N ILE A 564 -25.84 -38.21 -16.51
CA ILE A 564 -25.28 -37.08 -17.25
C ILE A 564 -23.84 -37.36 -17.67
N ASP A 565 -23.07 -38.02 -16.80
CA ASP A 565 -21.71 -38.38 -17.18
C ASP A 565 -21.69 -39.29 -18.41
N THR A 566 -22.60 -40.26 -18.46
CA THR A 566 -22.68 -41.11 -19.63
C THR A 566 -23.13 -40.33 -20.85
N TRP A 567 -24.01 -39.34 -20.66
CA TRP A 567 -24.36 -38.44 -21.75
C TRP A 567 -23.08 -37.87 -22.36
N ILE A 568 -22.19 -37.39 -21.51
CA ILE A 568 -20.95 -36.79 -22.00
C ILE A 568 -20.12 -37.83 -22.74
N THR A 569 -19.89 -38.98 -22.09
CA THR A 569 -19.03 -40.00 -22.70
C THR A 569 -19.54 -40.41 -24.07
N LYS A 570 -20.84 -40.66 -24.20
CA LYS A 570 -21.40 -41.06 -25.49
C LYS A 570 -21.39 -39.91 -26.48
N GLY A 571 -21.40 -38.67 -26.00
CA GLY A 571 -21.35 -37.53 -26.87
C GLY A 571 -22.68 -37.01 -27.31
N LYS A 572 -23.74 -37.24 -26.53
CA LYS A 572 -25.05 -36.68 -26.81
C LYS A 572 -25.05 -35.19 -26.47
N TYR A 573 -24.14 -34.43 -27.11
CA TYR A 573 -24.02 -33.02 -26.79
C TYR A 573 -25.33 -32.27 -27.01
N ALA A 574 -26.17 -32.76 -27.93
CA ALA A 574 -27.40 -32.04 -28.23
C ALA A 574 -28.37 -32.11 -27.06
N LYS A 575 -28.54 -33.29 -26.46
CA LYS A 575 -29.36 -33.40 -25.25
C LYS A 575 -28.76 -32.58 -24.10
N ILE A 576 -27.43 -32.64 -23.94
CA ILE A 576 -26.79 -31.87 -22.88
C ILE A 576 -27.09 -30.39 -23.02
N LEU A 577 -27.00 -29.85 -24.24
CA LEU A 577 -27.32 -28.44 -24.45
C LEU A 577 -28.81 -28.18 -24.22
N GLN A 578 -29.66 -29.06 -24.75
CA GLN A 578 -31.10 -28.92 -24.58
C GLN A 578 -31.49 -28.84 -23.12
N MET A 579 -30.73 -29.49 -22.23
CA MET A 579 -31.00 -29.38 -20.81
C MET A 579 -30.22 -28.26 -20.12
N TRP A 580 -29.04 -27.93 -20.63
CA TRP A 580 -28.24 -26.86 -20.04
C TRP A 580 -28.95 -25.51 -20.20
N VAL A 581 -29.58 -25.29 -21.35
CA VAL A 581 -30.31 -24.05 -21.55
C VAL A 581 -31.44 -23.87 -20.54
N GLN A 582 -31.83 -24.95 -19.84
CA GLN A 582 -32.88 -24.86 -18.83
C GLN A 582 -32.32 -24.67 -17.43
N GLY A 583 -31.04 -24.92 -17.21
CA GLY A 583 -30.45 -24.68 -15.91
C GLY A 583 -29.36 -25.65 -15.51
N LEU A 584 -29.47 -26.89 -15.99
CA LEU A 584 -28.52 -27.95 -15.63
C LEU A 584 -27.11 -27.40 -15.60
N ILE A 585 -26.37 -27.74 -14.55
CA ILE A 585 -24.97 -27.33 -14.38
C ILE A 585 -24.11 -28.58 -14.36
N PHE A 586 -23.03 -28.56 -15.14
CA PHE A 586 -22.13 -29.70 -15.26
C PHE A 586 -20.75 -29.18 -15.61
N ASP A 587 -19.73 -29.88 -15.10
CA ASP A 587 -18.35 -29.44 -15.24
C ASP A 587 -17.90 -29.62 -16.67
N TRP A 588 -17.72 -28.50 -17.39
CA TRP A 588 -17.28 -28.57 -18.78
C TRP A 588 -15.96 -29.33 -18.91
N ASN A 589 -15.12 -29.28 -17.89
CA ASN A 589 -13.84 -29.99 -17.94
C ASN A 589 -14.04 -31.48 -18.14
N LYS A 590 -15.19 -32.02 -17.75
CA LYS A 590 -15.45 -33.44 -17.96
C LYS A 590 -15.41 -33.81 -19.44
N LEU A 591 -15.71 -32.88 -20.33
CA LEU A 591 -15.77 -33.23 -21.76
C LEU A 591 -14.48 -33.87 -22.24
N TYR A 592 -13.33 -33.24 -21.94
CA TYR A 592 -12.03 -33.72 -22.38
C TYR A 592 -11.16 -33.94 -21.15
N GLY A 593 -10.79 -35.19 -20.91
CA GLY A 593 -10.09 -35.60 -19.71
C GLY A 593 -8.67 -35.09 -19.57
N ASP A 594 -8.15 -34.31 -20.52
CA ASP A 594 -6.76 -33.91 -20.40
C ASP A 594 -6.45 -32.76 -21.35
N THR A 595 -5.38 -32.04 -21.00
CA THR A 595 -4.79 -30.97 -21.82
C THR A 595 -5.86 -30.01 -22.34
N LYS A 596 -6.46 -29.29 -21.40
CA LYS A 596 -7.45 -28.29 -21.77
C LYS A 596 -6.78 -27.17 -22.57
N PRO A 597 -7.49 -26.58 -23.52
CA PRO A 597 -6.88 -25.62 -24.44
C PRO A 597 -6.63 -24.26 -23.78
N ARG A 598 -6.03 -23.38 -24.56
CA ARG A 598 -5.72 -22.02 -24.12
C ARG A 598 -7.00 -21.18 -24.15
N ARG A 599 -6.96 -20.05 -23.45
CA ARG A 599 -8.02 -19.06 -23.46
C ARG A 599 -7.68 -17.95 -24.44
N ILE A 600 -8.66 -17.07 -24.70
CA ILE A 600 -8.46 -15.97 -25.63
C ILE A 600 -9.23 -14.75 -25.14
N SER A 601 -8.86 -13.60 -25.67
CA SER A 601 -9.55 -12.35 -25.38
C SER A 601 -10.89 -12.37 -26.10
N LEU A 602 -11.97 -12.58 -25.36
CA LEU A 602 -13.30 -12.50 -25.90
C LEU A 602 -14.03 -11.31 -25.26
N PRO A 603 -15.02 -10.74 -25.96
CA PRO A 603 -15.68 -9.54 -25.45
C PRO A 603 -16.38 -9.81 -24.13
N ALA A 604 -16.38 -8.79 -23.27
CA ALA A 604 -16.94 -8.92 -21.93
C ALA A 604 -18.46 -8.80 -21.95
N TYR A 605 -19.07 -9.04 -20.80
CA TYR A 605 -20.51 -8.85 -20.66
C TYR A 605 -20.86 -7.41 -21.04
N PRO A 606 -21.84 -7.20 -21.93
CA PRO A 606 -22.20 -5.82 -22.30
C PRO A 606 -23.05 -5.17 -21.21
N PHE A 607 -22.39 -4.60 -20.21
CA PHE A 607 -23.09 -4.00 -19.09
C PHE A 607 -24.15 -3.02 -19.58
N ALA A 608 -25.34 -3.11 -18.98
CA ALA A 608 -26.35 -2.07 -19.21
C ALA A 608 -25.74 -0.72 -18.87
N ARG A 609 -26.14 0.31 -19.63
CA ARG A 609 -25.54 1.64 -19.52
C ARG A 609 -26.51 2.64 -18.90
N GLU A 610 -27.17 2.26 -17.82
CA GLU A 610 -28.08 3.16 -17.12
C GLU A 610 -27.30 4.15 -16.27
N ARG A 611 -27.84 5.37 -16.16
CA ARG A 611 -27.15 6.46 -15.47
C ARG A 611 -27.57 6.52 -14.00
N TYR A 612 -26.65 6.97 -13.16
CA TYR A 612 -26.92 7.17 -11.73
C TYR A 612 -26.00 8.28 -11.24
N TRP A 613 -26.58 9.40 -10.82
CA TRP A 613 -25.80 10.55 -10.39
C TRP A 613 -26.43 11.32 -9.24
N LEU A 614 -27.73 11.11 -9.01
CA LEU A 614 -28.49 11.91 -8.04
C LEU A 614 -28.23 13.40 -8.26
N GLY B 5 10.64 -17.28 7.08
CA GLY B 5 11.27 -16.48 8.13
C GLY B 5 10.35 -16.11 9.29
N ALA B 6 10.95 -15.64 10.39
CA ALA B 6 10.21 -15.30 11.59
C ALA B 6 9.74 -13.85 11.62
N LEU B 7 10.26 -13.00 10.73
CA LEU B 7 9.87 -11.59 10.67
C LEU B 7 10.07 -10.91 12.02
N ASP B 8 11.31 -10.55 12.34
CA ASP B 8 11.67 -9.95 13.62
C ASP B 8 11.98 -8.48 13.38
N ILE B 9 10.93 -7.66 13.33
CA ILE B 9 11.07 -6.24 12.99
C ILE B 9 10.89 -5.46 14.28
N ALA B 10 11.96 -4.81 14.74
CA ALA B 10 11.97 -4.15 16.02
C ALA B 10 11.36 -2.75 15.92
N ILE B 11 10.61 -2.37 16.95
CA ILE B 11 10.12 -0.99 17.11
C ILE B 11 11.10 -0.27 18.01
N ILE B 12 11.69 0.82 17.51
CA ILE B 12 12.74 1.54 18.23
C ILE B 12 12.40 3.00 18.46
N GLY B 13 11.17 3.42 18.14
CA GLY B 13 10.73 4.77 18.42
C GLY B 13 9.26 4.98 18.16
N ILE B 14 8.58 5.73 19.03
CA ILE B 14 7.16 6.02 18.90
C ILE B 14 6.97 7.52 19.10
N SER B 15 5.91 8.04 18.48
CA SER B 15 5.34 9.30 18.92
C SER B 15 3.86 9.32 18.56
N GLY B 16 3.15 10.29 19.11
CA GLY B 16 1.72 10.36 18.91
C GLY B 16 1.02 11.43 19.71
N ARG B 17 -0.21 11.72 19.32
CA ARG B 17 -1.07 12.68 19.99
C ARG B 17 -2.49 12.16 19.85
N TYR B 18 -3.10 11.78 20.96
CA TYR B 18 -4.43 11.21 21.01
C TYR B 18 -5.27 12.00 21.98
N PRO B 19 -6.59 11.81 21.99
CA PRO B 19 -7.48 12.70 22.75
C PRO B 19 -7.02 12.87 24.19
N GLN B 20 -7.08 14.12 24.67
CA GLN B 20 -6.69 14.46 26.03
C GLN B 20 -5.27 14.02 26.33
N ALA B 21 -4.36 14.15 25.35
CA ALA B 21 -2.99 13.71 25.52
C ALA B 21 -2.07 14.24 24.42
N ARG B 22 -1.45 15.39 24.66
CA ARG B 22 -0.51 15.96 23.71
C ARG B 22 0.80 15.18 23.64
N ASN B 23 1.06 14.30 24.60
CA ASN B 23 2.31 13.57 24.69
C ASN B 23 2.00 12.09 24.91
N ILE B 24 3.03 11.25 24.77
CA ILE B 24 2.83 9.82 24.96
C ILE B 24 2.75 9.49 26.45
N HIS B 25 3.55 10.17 27.28
CA HIS B 25 3.46 9.97 28.72
C HIS B 25 2.08 10.34 29.23
N ASP B 26 1.53 11.46 28.75
CA ASP B 26 0.16 11.81 29.09
C ASP B 26 -0.82 10.72 28.67
N PHE B 27 -0.58 10.10 27.52
CA PHE B 27 -1.45 9.02 27.06
C PHE B 27 -1.38 7.82 27.99
N TRP B 28 -0.17 7.44 28.42
CA TRP B 28 -0.05 6.38 29.40
C TRP B 28 -0.74 6.74 30.70
N LYS B 29 -0.64 8.01 31.11
CA LYS B 29 -1.34 8.44 32.31
C LYS B 29 -2.83 8.20 32.16
N ASN B 30 -3.42 8.65 31.05
CA ASN B 30 -4.85 8.48 30.86
C ASN B 30 -5.23 7.00 30.80
N LEU B 31 -4.37 6.17 30.22
CA LEU B 31 -4.70 4.75 30.08
C LEU B 31 -4.62 4.02 31.42
N ARG B 32 -3.50 4.19 32.13
CA ARG B 32 -3.32 3.53 33.42
C ARG B 32 -4.36 4.00 34.41
N ASP B 33 -4.62 5.31 34.48
CA ASP B 33 -5.62 5.82 35.41
C ASP B 33 -7.03 5.41 35.01
N GLY B 34 -7.28 5.26 33.71
CA GLY B 34 -8.58 4.89 33.22
C GLY B 34 -9.46 6.03 32.75
N LYS B 35 -8.87 7.16 32.36
CA LYS B 35 -9.67 8.32 31.97
C LYS B 35 -10.45 8.03 30.70
N ASP B 36 -11.69 8.49 30.67
CA ASP B 36 -12.52 8.48 29.46
C ASP B 36 -12.33 9.81 28.75
N CYS B 37 -11.63 9.77 27.62
CA CYS B 37 -11.20 10.97 26.91
C CYS B 37 -12.21 11.46 25.89
N ILE B 38 -13.46 11.01 25.99
CA ILE B 38 -14.51 11.44 25.05
C ILE B 38 -15.11 12.76 25.50
N THR B 39 -14.49 13.87 25.11
CA THR B 39 -15.08 15.17 25.43
C THR B 39 -16.20 15.48 24.44
N GLU B 40 -16.94 16.55 24.74
CA GLU B 40 -17.85 17.13 23.76
C GLU B 40 -17.05 18.06 22.85
N ILE B 41 -17.66 18.45 21.73
CA ILE B 41 -16.93 19.26 20.75
C ILE B 41 -16.34 20.46 21.46
N PRO B 42 -15.03 20.71 21.34
CA PRO B 42 -14.47 21.93 21.93
C PRO B 42 -14.93 23.18 21.18
N LYS B 43 -14.31 24.32 21.49
CA LYS B 43 -14.79 25.61 20.99
C LYS B 43 -14.23 25.97 19.63
N ASP B 44 -12.94 25.69 19.40
CA ASP B 44 -12.29 26.08 18.15
C ASP B 44 -13.04 25.61 16.91
N ARG B 45 -13.91 24.62 17.03
CA ARG B 45 -14.60 24.06 15.88
C ARG B 45 -16.12 24.15 16.04
N LYS B 65 -22.84 14.75 18.27
CA LYS B 65 -22.25 15.87 19.00
C LYS B 65 -21.06 15.44 19.86
N TRP B 66 -21.00 14.16 20.20
CA TRP B 66 -19.94 13.64 21.05
C TRP B 66 -18.84 13.00 20.22
N GLY B 67 -17.70 12.79 20.86
CA GLY B 67 -16.56 12.14 20.23
C GLY B 67 -15.25 12.66 20.79
N GLY B 68 -14.26 11.76 20.85
CA GLY B 68 -12.95 12.13 21.37
C GLY B 68 -12.18 12.94 20.36
N PHE B 69 -11.62 14.07 20.82
CA PHE B 69 -10.90 15.00 19.97
C PHE B 69 -9.55 15.32 20.60
N ILE B 70 -8.67 15.95 19.82
CA ILE B 70 -7.31 16.23 20.22
C ILE B 70 -7.07 17.72 20.29
N ASP B 71 -6.15 18.12 21.17
CA ASP B 71 -5.87 19.54 21.38
C ASP B 71 -4.97 20.08 20.28
N GLY B 72 -5.35 21.23 19.74
CA GLY B 72 -4.51 21.95 18.81
C GLY B 72 -4.35 21.33 17.42
N VAL B 73 -5.46 21.19 16.69
CA VAL B 73 -5.37 20.78 15.29
C VAL B 73 -4.54 21.77 14.50
N ASP B 74 -4.67 23.06 14.82
CA ASP B 74 -4.06 24.12 14.03
C ASP B 74 -2.66 24.49 14.49
N GLN B 75 -2.16 23.88 15.56
CA GLN B 75 -0.86 24.25 16.11
C GLN B 75 0.26 23.67 15.26
N PHE B 76 1.30 24.49 15.01
CA PHE B 76 2.35 24.12 14.06
C PHE B 76 3.53 25.07 14.23
N ASP B 77 4.70 24.60 13.79
CA ASP B 77 5.95 25.37 13.86
C ASP B 77 6.58 25.37 12.47
N PRO B 78 6.06 26.19 11.55
CA PRO B 78 6.49 26.06 10.15
C PRO B 78 7.93 26.48 9.89
N LEU B 79 8.43 27.51 10.57
CA LEU B 79 9.82 27.92 10.34
C LEU B 79 10.79 26.81 10.71
N PHE B 80 10.41 25.92 11.61
CA PHE B 80 11.26 24.77 11.92
C PHE B 80 11.49 23.94 10.66
N PHE B 81 10.46 23.79 9.83
CA PHE B 81 10.51 22.99 8.62
C PHE B 81 10.78 23.85 7.37
N HIS B 82 11.26 25.08 7.56
CA HIS B 82 11.50 25.99 6.45
C HIS B 82 10.25 26.12 5.57
N ILE B 83 9.13 26.46 6.21
CA ILE B 83 7.83 26.52 5.56
C ILE B 83 7.25 27.92 5.73
N SER B 84 6.86 28.54 4.63
CA SER B 84 6.25 29.86 4.70
C SER B 84 4.92 29.78 5.47
N PRO B 85 4.57 30.80 6.24
CA PRO B 85 3.29 30.76 6.97
C PRO B 85 2.07 30.59 6.07
N ARG B 86 2.07 31.17 4.87
CA ARG B 86 0.96 30.93 3.94
C ARG B 86 0.84 29.44 3.63
N GLU B 87 1.92 28.85 3.11
CA GLU B 87 1.94 27.42 2.86
C GLU B 87 1.46 26.63 4.07
N ALA B 88 1.75 27.14 5.29
CA ALA B 88 1.26 26.50 6.49
C ALA B 88 -0.27 26.56 6.56
N GLU B 89 -0.83 27.74 6.34
CA GLU B 89 -2.29 27.85 6.32
C GLU B 89 -2.90 26.91 5.30
N LEU B 90 -2.21 26.69 4.17
CA LEU B 90 -2.75 25.83 3.13
C LEU B 90 -2.65 24.36 3.50
N MET B 91 -1.57 23.96 4.16
CA MET B 91 -1.36 22.56 4.51
C MET B 91 -2.53 21.99 5.31
N ASP B 92 -2.98 20.81 4.91
CA ASP B 92 -4.02 20.11 5.67
C ASP B 92 -3.49 19.73 7.04
N PRO B 93 -4.29 19.86 8.11
CA PRO B 93 -3.80 19.50 9.44
C PRO B 93 -3.18 18.11 9.55
N GLN B 94 -3.65 17.13 8.79
CA GLN B 94 -3.08 15.79 8.90
C GLN B 94 -1.61 15.79 8.48
N GLU B 95 -1.30 16.41 7.34
CA GLU B 95 0.08 16.56 6.90
C GLU B 95 0.94 17.20 7.99
N ARG B 96 0.49 18.33 8.53
CA ARG B 96 1.24 19.06 9.55
C ARG B 96 1.50 18.19 10.78
N LEU B 97 0.43 17.65 11.35
CA LEU B 97 0.56 16.87 12.59
C LEU B 97 1.44 15.65 12.36
N PHE B 98 1.29 14.96 11.23
CA PHE B 98 2.10 13.78 11.00
C PHE B 98 3.56 14.13 10.78
N LEU B 99 3.85 15.26 10.12
CA LEU B 99 5.24 15.68 9.97
C LEU B 99 5.87 15.92 11.33
N GLN B 100 5.18 16.68 12.19
CA GLN B 100 5.68 16.89 13.54
C GLN B 100 5.87 15.56 14.27
N CYS B 101 4.89 14.66 14.14
CA CYS B 101 4.94 13.39 14.85
C CYS B 101 6.08 12.51 14.38
N VAL B 102 6.42 12.57 13.09
CA VAL B 102 7.51 11.75 12.58
C VAL B 102 8.86 12.30 13.05
N TYR B 103 9.01 13.63 13.07
CA TYR B 103 10.22 14.17 13.68
C TYR B 103 10.31 13.75 15.15
N GLU B 104 9.19 13.80 15.87
CA GLU B 104 9.19 13.39 17.27
C GLU B 104 9.57 11.93 17.43
N THR B 105 9.08 11.07 16.53
CA THR B 105 9.41 9.65 16.59
C THR B 105 10.89 9.43 16.35
N ILE B 106 11.44 10.09 15.32
CA ILE B 106 12.87 9.96 15.05
C ILE B 106 13.69 10.37 16.29
N GLU B 107 13.30 11.48 16.93
CA GLU B 107 14.06 11.93 18.09
C GLU B 107 13.89 10.99 19.28
N ASP B 108 12.70 10.41 19.44
CA ASP B 108 12.50 9.43 20.50
C ASP B 108 13.42 8.23 20.29
N ALA B 109 13.54 7.76 19.03
CA ALA B 109 14.44 6.65 18.74
C ALA B 109 15.91 7.00 18.97
N GLY B 110 16.22 8.30 19.05
CA GLY B 110 17.60 8.72 19.26
C GLY B 110 18.39 8.85 17.97
N TYR B 111 17.74 9.29 16.91
CA TYR B 111 18.38 9.54 15.63
C TYR B 111 17.98 10.91 15.12
N THR B 112 18.73 11.39 14.12
CA THR B 112 18.36 12.58 13.37
C THR B 112 18.18 12.19 11.90
N ARG B 113 17.53 13.07 11.13
CA ARG B 113 17.16 12.72 9.76
C ARG B 113 18.39 12.37 8.92
N GLU B 114 19.56 12.90 9.26
CA GLU B 114 20.77 12.66 8.47
C GLU B 114 21.60 11.49 8.98
N THR B 115 21.10 10.71 9.94
CA THR B 115 21.85 9.60 10.51
C THR B 115 21.18 8.24 10.28
N LEU B 116 20.14 8.19 9.45
CA LEU B 116 19.47 6.93 9.15
C LEU B 116 20.05 6.33 7.88
N GLY B 117 20.55 5.11 7.97
CA GLY B 117 21.17 4.44 6.84
C GLY B 117 22.68 4.60 6.81
N ASN B 125 17.41 6.25 2.85
CA ASN B 125 16.83 4.99 2.39
C ASN B 125 15.80 4.47 3.39
N VAL B 126 14.73 5.24 3.55
CA VAL B 126 13.75 5.03 4.61
C VAL B 126 12.35 5.02 4.02
N GLY B 127 11.58 3.99 4.34
CA GLY B 127 10.19 3.93 3.90
C GLY B 127 9.25 4.67 4.84
N VAL B 128 8.18 5.21 4.26
CA VAL B 128 7.17 5.98 4.98
C VAL B 128 5.80 5.48 4.57
N TYR B 129 5.13 4.74 5.45
CA TYR B 129 3.79 4.22 5.23
C TYR B 129 2.85 4.88 6.22
N VAL B 130 1.73 5.43 5.73
CA VAL B 130 0.80 6.13 6.60
C VAL B 130 -0.63 5.76 6.22
N GLY B 131 -1.42 5.38 7.23
CA GLY B 131 -2.84 5.20 7.05
C GLY B 131 -3.57 6.52 7.26
N VAL B 132 -4.68 6.70 6.53
CA VAL B 132 -5.42 7.95 6.60
C VAL B 132 -6.73 7.82 5.84
N MET B 133 -7.73 8.60 6.23
CA MET B 133 -9.01 8.67 5.56
C MET B 133 -9.19 10.07 4.98
N TYR B 134 -9.98 10.15 3.92
CA TYR B 134 -10.16 11.40 3.17
C TYR B 134 -11.27 12.22 3.82
N GLU B 135 -10.88 13.34 4.45
CA GLU B 135 -11.83 14.33 4.94
C GLU B 135 -11.39 15.74 4.58
N GLU B 136 -10.73 15.89 3.44
CA GLU B 136 -10.14 17.18 3.10
C GLU B 136 -11.22 18.21 2.77
N TYR B 137 -11.12 19.37 3.41
CA TYR B 137 -12.01 20.49 3.09
C TYR B 137 -11.56 21.21 1.82
N GLN B 138 -10.32 21.66 1.75
CA GLN B 138 -9.75 22.27 0.55
C GLN B 138 -10.67 23.35 -0.01
N LEU B 139 -11.22 24.18 0.87
CA LEU B 139 -12.09 25.27 0.47
C LEU B 139 -11.41 26.62 0.70
N SER B 156 -3.63 15.96 -2.59
CA SER B 156 -4.11 14.63 -2.22
C SER B 156 -3.43 14.17 -0.93
N PRO B 157 -3.97 13.11 -0.31
CA PRO B 157 -3.41 12.66 0.98
C PRO B 157 -2.02 12.08 0.88
N ALA B 158 -1.56 11.71 -0.31
CA ALA B 158 -0.18 11.23 -0.43
C ALA B 158 0.81 12.24 0.10
N SER B 159 0.51 13.53 -0.04
CA SER B 159 1.34 14.58 0.56
C SER B 159 1.76 14.21 1.98
N ILE B 160 0.80 13.77 2.79
CA ILE B 160 1.01 13.44 4.19
C ILE B 160 2.31 12.67 4.38
N ALA B 161 2.55 11.66 3.53
CA ALA B 161 3.79 10.91 3.62
C ALA B 161 4.91 11.59 2.84
N ASN B 162 4.64 12.01 1.61
CA ASN B 162 5.69 12.58 0.76
C ASN B 162 6.38 13.74 1.45
N ARG B 163 5.59 14.70 1.95
CA ARG B 163 6.15 15.81 2.73
C ARG B 163 7.18 15.31 3.72
N VAL B 164 6.82 14.32 4.53
CA VAL B 164 7.76 13.76 5.50
C VAL B 164 9.05 13.37 4.80
N SER B 165 8.93 12.49 3.80
CA SER B 165 10.09 12.04 3.04
C SER B 165 10.90 13.21 2.50
N TYR B 166 10.22 14.29 2.10
CA TYR B 166 10.94 15.44 1.57
C TYR B 166 11.80 16.09 2.64
N PHE B 167 11.26 16.27 3.85
CA PHE B 167 12.01 17.01 4.86
C PHE B 167 13.13 16.19 5.47
N CYS B 168 13.01 14.87 5.46
CA CYS B 168 13.99 13.99 6.08
C CYS B 168 15.00 13.42 5.09
N ASN B 169 14.88 13.76 3.81
CA ASN B 169 15.74 13.20 2.78
C ASN B 169 15.67 11.68 2.81
N PHE B 170 14.44 11.16 2.85
CA PHE B 170 14.20 9.73 2.81
C PHE B 170 13.99 9.31 1.37
N HIS B 171 14.86 8.44 0.87
CA HIS B 171 14.80 7.99 -0.52
C HIS B 171 13.97 6.72 -0.68
N GLY B 172 13.49 6.12 0.42
CA GLY B 172 12.69 4.93 0.34
C GLY B 172 11.26 5.22 -0.07
N PRO B 173 10.45 4.17 -0.16
CA PRO B 173 9.07 4.33 -0.61
C PRO B 173 8.25 5.19 0.33
N SER B 174 7.41 6.05 -0.23
CA SER B 174 6.56 6.97 0.53
C SER B 174 5.16 6.93 -0.04
N MET B 175 4.20 6.44 0.74
CA MET B 175 2.85 6.24 0.22
C MET B 175 1.84 6.41 1.33
N ALA B 176 0.57 6.41 0.94
CA ALA B 176 -0.55 6.42 1.85
C ALA B 176 -1.43 5.22 1.54
N VAL B 177 -1.67 4.40 2.54
CA VAL B 177 -2.49 3.21 2.38
C VAL B 177 -3.92 3.60 2.69
N ASP B 178 -4.86 3.05 1.92
CA ASP B 178 -6.27 3.32 2.17
C ASP B 178 -7.03 2.01 2.31
N THR B 179 -7.60 1.83 3.49
CA THR B 179 -8.62 0.86 3.77
C THR B 179 -9.54 1.60 4.73
N MET B 180 -10.51 0.93 5.32
CA MET B 180 -11.26 1.64 6.36
C MET B 180 -10.31 1.70 7.56
N CYS B 181 -10.76 1.33 8.75
CA CYS B 181 -9.88 1.40 9.93
C CYS B 181 -8.50 0.82 9.62
N SER B 182 -8.46 -0.41 9.12
CA SER B 182 -7.22 -1.14 8.92
C SER B 182 -6.15 -0.30 8.23
N SER B 183 -6.55 0.83 7.63
CA SER B 183 -5.59 1.72 6.97
C SER B 183 -4.32 1.87 7.79
N SER B 184 -4.44 2.01 9.10
CA SER B 184 -3.22 2.16 9.89
C SER B 184 -2.44 0.85 9.93
N LEU B 185 -3.08 -0.21 10.44
CA LEU B 185 -2.40 -1.49 10.62
C LEU B 185 -1.88 -2.02 9.30
N THR B 186 -2.72 -1.97 8.25
CA THR B 186 -2.27 -2.44 6.93
C THR B 186 -0.95 -1.77 6.56
N GLY B 187 -0.87 -0.44 6.71
CA GLY B 187 0.37 0.23 6.43
C GLY B 187 1.55 -0.47 7.05
N ILE B 188 1.49 -0.69 8.36
CA ILE B 188 2.58 -1.34 9.07
C ILE B 188 2.96 -2.64 8.36
N HIS B 189 1.96 -3.49 8.11
CA HIS B 189 2.19 -4.74 7.41
C HIS B 189 3.09 -4.52 6.21
N LEU B 190 2.65 -3.66 5.28
CA LEU B 190 3.45 -3.40 4.09
C LEU B 190 4.88 -3.07 4.49
N ALA B 191 5.03 -2.03 5.31
CA ALA B 191 6.36 -1.61 5.74
C ALA B 191 7.16 -2.80 6.26
N CYS B 192 6.55 -3.58 7.17
CA CYS B 192 7.27 -4.70 7.76
C CYS B 192 7.83 -5.60 6.67
N HIS B 193 6.99 -5.99 5.72
CA HIS B 193 7.46 -6.88 4.67
C HIS B 193 8.43 -6.16 3.77
N SER B 194 8.19 -4.87 3.50
CA SER B 194 9.17 -4.08 2.75
C SER B 194 10.53 -4.10 3.43
N LEU B 195 10.57 -4.31 4.74
CA LEU B 195 11.85 -4.48 5.42
C LEU B 195 12.36 -5.91 5.28
N GLN B 196 11.47 -6.89 5.47
CA GLN B 196 11.86 -8.29 5.31
C GLN B 196 12.57 -8.50 3.97
N ARG B 197 12.22 -7.69 2.97
CA ARG B 197 12.71 -7.81 1.60
C ARG B 197 14.02 -7.08 1.38
N GLY B 198 14.25 -5.97 2.07
CA GLY B 198 15.39 -5.14 1.85
C GLY B 198 15.12 -3.87 1.05
N GLU B 199 13.87 -3.64 0.68
CA GLU B 199 13.53 -2.43 -0.08
C GLU B 199 14.02 -1.17 0.62
N CYS B 200 13.98 -1.16 1.95
CA CYS B 200 14.45 -0.03 2.74
C CYS B 200 15.14 -0.55 3.99
N GLU B 201 16.13 0.22 4.47
CA GLU B 201 16.87 -0.18 5.66
C GLU B 201 16.05 -0.04 6.93
N VAL B 202 15.17 0.96 6.97
CA VAL B 202 14.25 1.19 8.09
C VAL B 202 12.99 1.80 7.49
N ALA B 203 11.93 1.84 8.29
CA ALA B 203 10.64 2.34 7.82
C ALA B 203 9.97 3.19 8.88
N ILE B 204 9.02 4.01 8.43
CA ILE B 204 8.16 4.80 9.31
C ILE B 204 6.71 4.42 8.97
N ALA B 205 5.99 3.90 9.94
CA ALA B 205 4.57 3.61 9.77
C ALA B 205 3.76 4.52 10.68
N GLY B 206 2.49 4.72 10.34
CA GLY B 206 1.69 5.63 11.16
C GLY B 206 0.28 5.79 10.63
N GLY B 207 -0.47 6.64 11.35
CA GLY B 207 -1.85 6.92 11.02
C GLY B 207 -2.25 8.30 11.50
N VAL B 208 -3.36 8.79 10.95
CA VAL B 208 -3.84 10.13 11.28
C VAL B 208 -5.33 10.24 10.94
N ASN B 209 -6.09 10.84 11.86
CA ASN B 209 -7.51 11.09 11.68
C ASN B 209 -7.86 12.41 12.37
N VAL B 210 -8.47 13.32 11.61
CA VAL B 210 -8.86 14.65 12.10
C VAL B 210 -10.26 14.98 11.59
N SER B 211 -11.20 15.18 12.51
CA SER B 211 -12.59 15.46 12.16
C SER B 211 -12.86 16.96 12.15
N ILE B 212 -13.81 17.36 11.30
CA ILE B 212 -14.31 18.74 11.26
C ILE B 212 -15.83 18.72 11.40
N HIS B 213 -16.47 17.69 10.85
CA HIS B 213 -17.90 17.49 11.04
C HIS B 213 -18.32 16.14 10.47
N TYR B 242 -22.06 4.27 18.25
CA TYR B 242 -20.87 4.65 17.47
C TYR B 242 -20.30 5.98 17.94
N VAL B 243 -18.98 6.07 18.00
CA VAL B 243 -18.31 7.24 18.56
C VAL B 243 -17.06 7.58 17.75
N PRO B 244 -16.95 8.77 17.18
CA PRO B 244 -15.72 9.13 16.46
C PRO B 244 -14.55 9.34 17.41
N GLY B 245 -13.35 9.29 16.84
CA GLY B 245 -12.13 9.52 17.59
C GLY B 245 -10.97 10.01 16.75
N GLU B 246 -10.43 11.18 17.08
CA GLU B 246 -9.29 11.73 16.37
C GLU B 246 -8.00 11.08 16.85
N GLY B 247 -6.89 11.46 16.23
CA GLY B 247 -5.58 11.06 16.72
C GLY B 247 -4.56 10.92 15.61
N VAL B 248 -3.29 11.13 15.96
CA VAL B 248 -2.17 10.95 15.05
C VAL B 248 -1.10 10.15 15.76
N GLY B 249 -0.36 9.35 15.00
CA GLY B 249 0.67 8.52 15.62
C GLY B 249 1.59 7.90 14.59
N ALA B 250 2.79 7.56 15.06
CA ALA B 250 3.80 7.02 14.16
C ALA B 250 4.83 6.21 14.92
N VAL B 251 5.33 5.17 14.26
CA VAL B 251 6.32 4.24 14.79
C VAL B 251 7.46 4.14 13.80
N LEU B 252 8.67 3.98 14.32
CA LEU B 252 9.87 3.72 13.51
C LEU B 252 10.27 2.26 13.64
N LEU B 253 10.52 1.61 12.50
CA LEU B 253 10.75 0.18 12.41
C LEU B 253 12.12 -0.10 11.81
N LYS B 254 12.82 -1.07 12.39
CA LYS B 254 14.18 -1.45 12.01
C LYS B 254 14.30 -2.93 12.32
N PRO B 255 15.01 -3.69 11.49
CA PRO B 255 15.19 -5.12 11.78
C PRO B 255 15.84 -5.34 13.15
N LEU B 256 15.39 -6.39 13.84
CA LEU B 256 15.83 -6.63 15.21
C LEU B 256 17.34 -6.83 15.28
N ALA B 257 17.91 -7.54 14.31
CA ALA B 257 19.36 -7.76 14.28
C ALA B 257 20.13 -6.44 14.38
N ARG B 258 19.90 -5.54 13.41
CA ARG B 258 20.70 -4.32 13.34
C ARG B 258 20.28 -3.28 14.36
N ALA B 259 19.14 -3.47 15.03
CA ALA B 259 18.80 -2.58 16.14
C ALA B 259 19.48 -3.04 17.43
N ILE B 260 19.44 -4.34 17.72
CA ILE B 260 20.24 -4.88 18.82
C ILE B 260 21.69 -4.46 18.64
N ALA B 261 22.21 -4.61 17.42
CA ALA B 261 23.62 -4.30 17.17
C ALA B 261 23.91 -2.82 17.43
N ASP B 262 23.02 -1.94 16.97
CA ASP B 262 23.25 -0.51 17.09
C ASP B 262 22.82 0.04 18.45
N GLY B 263 22.55 -0.84 19.41
CA GLY B 263 22.24 -0.39 20.75
C GLY B 263 21.04 0.53 20.83
N ASP B 264 20.06 0.36 19.95
CA ASP B 264 18.82 1.10 20.07
C ASP B 264 17.97 0.54 21.22
N HIS B 265 17.10 1.38 21.75
CA HIS B 265 16.12 0.93 22.72
C HIS B 265 14.91 0.36 21.99
N ILE B 266 14.51 -0.85 22.39
CA ILE B 266 13.56 -1.65 21.63
C ILE B 266 12.31 -1.81 22.49
N TYR B 267 11.23 -1.12 22.10
CA TYR B 267 9.98 -1.26 22.81
C TYR B 267 9.37 -2.64 22.61
N GLY B 268 9.55 -3.22 21.42
CA GLY B 268 9.00 -4.53 21.15
C GLY B 268 9.47 -5.02 19.79
N VAL B 269 9.06 -6.24 19.47
CA VAL B 269 9.40 -6.88 18.21
C VAL B 269 8.10 -7.30 17.57
N ILE B 270 7.86 -6.84 16.34
CA ILE B 270 6.80 -7.38 15.51
C ILE B 270 7.29 -8.72 14.98
N LYS B 271 6.60 -9.80 15.35
CA LYS B 271 6.96 -11.13 14.91
C LYS B 271 6.04 -11.65 13.81
N GLY B 272 4.84 -11.11 13.67
CA GLY B 272 3.93 -11.57 12.64
C GLY B 272 2.98 -10.47 12.21
N SER B 273 2.52 -10.56 10.96
CA SER B 273 1.57 -9.60 10.41
C SER B 273 0.81 -10.26 9.28
N ALA B 274 -0.46 -9.87 9.13
CA ALA B 274 -1.30 -10.43 8.08
C ALA B 274 -2.42 -9.45 7.73
N ILE B 275 -2.81 -9.46 6.45
CA ILE B 275 -3.95 -8.70 5.97
C ILE B 275 -4.72 -9.56 4.99
N ASN B 276 -6.03 -9.38 4.94
CA ASN B 276 -6.89 -10.12 4.02
C ASN B 276 -8.20 -9.37 3.89
N HIS B 277 -9.19 -10.01 3.25
CA HIS B 277 -10.49 -9.38 3.05
C HIS B 277 -11.58 -10.40 3.32
N GLY B 278 -12.77 -9.88 3.62
CA GLY B 278 -13.87 -10.74 4.00
C GLY B 278 -14.46 -11.53 2.84
N GLY B 279 -14.64 -10.88 1.70
CA GLY B 279 -15.33 -11.49 0.59
C GLY B 279 -16.80 -11.14 0.59
N LYS B 280 -17.55 -11.87 -0.23
CA LYS B 280 -19.00 -11.65 -0.26
C LYS B 280 -19.63 -12.17 1.03
N THR B 281 -19.79 -11.31 2.02
CA THR B 281 -20.54 -11.66 3.21
C THR B 281 -22.02 -11.41 2.94
N ASN B 282 -22.86 -11.78 3.90
CA ASN B 282 -24.30 -11.60 3.72
C ASN B 282 -24.63 -10.11 3.86
N GLY B 283 -24.18 -9.32 2.89
CA GLY B 283 -24.37 -7.88 2.92
C GLY B 283 -23.04 -7.15 2.96
N TYR B 284 -22.99 -5.97 2.37
CA TYR B 284 -21.76 -5.17 2.35
C TYR B 284 -21.62 -4.38 3.64
N THR B 285 -20.39 -4.26 4.11
CA THR B 285 -19.99 -3.72 5.41
C THR B 285 -20.24 -4.74 6.53
N VAL B 286 -20.78 -5.92 6.22
CA VAL B 286 -20.99 -6.97 7.22
C VAL B 286 -19.71 -7.78 7.35
N PRO B 287 -19.17 -7.98 8.54
CA PRO B 287 -17.88 -8.65 8.67
C PRO B 287 -17.98 -10.16 8.62
N ASN B 288 -16.93 -10.77 8.05
CA ASN B 288 -16.84 -12.21 7.92
C ASN B 288 -16.01 -12.77 9.07
N PRO B 289 -16.60 -13.54 10.00
CA PRO B 289 -15.80 -14.08 11.10
C PRO B 289 -14.69 -15.02 10.66
N HIS B 290 -14.97 -15.87 9.67
CA HIS B 290 -13.97 -16.80 9.17
C HIS B 290 -12.76 -16.05 8.63
N SER B 291 -12.97 -14.89 8.00
CA SER B 291 -11.86 -14.11 7.48
C SER B 291 -10.98 -13.57 8.60
N GLN B 292 -11.60 -13.12 9.70
CA GLN B 292 -10.83 -12.65 10.84
C GLN B 292 -10.01 -13.78 11.44
N SER B 293 -10.63 -14.95 11.63
CA SER B 293 -9.87 -16.10 12.11
C SER B 293 -8.70 -16.41 11.18
N ARG B 294 -8.93 -16.32 9.87
CA ARG B 294 -7.89 -16.65 8.91
C ARG B 294 -6.72 -15.68 8.99
N VAL B 295 -7.01 -14.38 9.04
CA VAL B 295 -5.93 -13.39 9.11
C VAL B 295 -5.16 -13.57 10.41
N ILE B 296 -5.85 -13.86 11.50
CA ILE B 296 -5.15 -14.02 12.78
C ILE B 296 -4.26 -15.26 12.75
N ARG B 297 -4.75 -16.37 12.19
CA ARG B 297 -3.87 -17.52 12.04
C ARG B 297 -2.64 -17.13 11.23
N ARG B 298 -2.85 -16.64 10.00
CA ARG B 298 -1.72 -16.37 9.12
C ARG B 298 -0.69 -15.49 9.82
N ALA B 299 -1.15 -14.51 10.61
CA ALA B 299 -0.21 -13.68 11.35
C ALA B 299 0.58 -14.51 12.37
N PHE B 300 -0.11 -15.28 13.20
CA PHE B 300 0.59 -16.07 14.20
C PHE B 300 1.52 -17.10 13.56
N GLU B 301 1.15 -17.63 12.40
CA GLU B 301 2.03 -18.53 11.66
C GLU B 301 3.31 -17.81 11.26
N GLU B 302 3.17 -16.64 10.63
CA GLU B 302 4.35 -15.85 10.31
C GLU B 302 5.20 -15.62 11.55
N ALA B 303 4.56 -15.48 12.72
CA ALA B 303 5.29 -15.22 13.96
C ALA B 303 5.84 -16.49 14.60
N GLY B 304 5.42 -17.67 14.17
CA GLY B 304 5.85 -18.90 14.81
C GLY B 304 5.57 -18.88 16.29
N ILE B 305 4.34 -18.48 16.65
CA ILE B 305 3.95 -18.28 18.05
C ILE B 305 2.70 -19.09 18.33
N HIS B 306 2.76 -19.93 19.36
CA HIS B 306 1.59 -20.73 19.75
C HIS B 306 0.62 -19.84 20.52
N PRO B 307 -0.64 -19.75 20.11
CA PRO B 307 -1.54 -18.75 20.71
C PRO B 307 -1.73 -18.90 22.22
N ARG B 308 -1.35 -20.03 22.82
CA ARG B 308 -1.47 -20.16 24.27
C ARG B 308 -0.48 -19.24 24.99
N THR B 309 0.72 -19.05 24.42
CA THR B 309 1.66 -18.10 24.98
C THR B 309 1.14 -16.66 24.96
N VAL B 310 0.07 -16.40 24.22
CA VAL B 310 -0.44 -15.03 24.13
C VAL B 310 -1.02 -14.62 25.47
N SER B 311 -0.82 -13.34 25.83
CA SER B 311 -1.20 -12.83 27.14
C SER B 311 -2.18 -11.66 27.08
N TYR B 312 -2.15 -10.86 26.01
CA TYR B 312 -3.11 -9.79 25.80
C TYR B 312 -3.48 -9.75 24.32
N ILE B 313 -4.73 -9.40 24.03
CA ILE B 313 -5.18 -9.25 22.65
C ILE B 313 -6.02 -7.99 22.55
N GLU B 314 -5.50 -6.97 21.87
CA GLU B 314 -6.26 -5.76 21.54
C GLU B 314 -7.29 -6.05 20.46
N ALA B 315 -8.56 -5.83 20.77
CA ALA B 315 -9.63 -6.12 19.83
C ALA B 315 -9.99 -4.88 19.02
N HIS B 316 -10.59 -5.13 17.84
CA HIS B 316 -11.02 -4.05 16.97
C HIS B 316 -12.13 -3.24 17.62
N GLY B 317 -13.16 -3.92 18.13
CA GLY B 317 -14.35 -3.29 18.64
C GLY B 317 -14.40 -3.31 20.16
N THR B 318 -15.40 -2.62 20.69
CA THR B 318 -15.56 -2.51 22.13
C THR B 318 -16.29 -3.69 22.75
N GLY B 319 -17.07 -4.43 21.98
CA GLY B 319 -17.96 -5.44 22.49
C GLY B 319 -19.41 -5.02 22.48
N THR B 320 -19.67 -3.72 22.67
CA THR B 320 -21.00 -3.18 22.52
C THR B 320 -21.37 -3.00 21.06
N SER B 321 -20.36 -2.88 20.19
CA SER B 321 -20.58 -2.77 18.76
C SER B 321 -21.48 -3.88 18.27
N LEU B 322 -22.34 -3.57 17.30
CA LEU B 322 -23.40 -4.49 16.92
C LEU B 322 -22.86 -5.85 16.52
N GLY B 323 -21.80 -5.88 15.72
CA GLY B 323 -21.25 -7.13 15.25
C GLY B 323 -19.95 -7.54 15.93
N ASP B 324 -19.76 -7.11 17.18
CA ASP B 324 -18.56 -7.45 17.94
C ASP B 324 -18.60 -8.89 18.42
N PRO B 325 -19.78 -9.45 18.73
CA PRO B 325 -19.85 -10.90 18.98
C PRO B 325 -19.16 -11.68 17.87
N ILE B 326 -19.42 -11.33 16.61
CA ILE B 326 -18.71 -11.96 15.50
C ILE B 326 -17.20 -11.93 15.76
N GLU B 327 -16.67 -10.75 16.13
CA GLU B 327 -15.24 -10.62 16.37
C GLU B 327 -14.75 -11.61 17.43
N ILE B 328 -15.36 -11.58 18.61
CA ILE B 328 -14.91 -12.47 19.68
C ILE B 328 -15.02 -13.92 19.22
N ALA B 329 -16.14 -14.28 18.60
CA ALA B 329 -16.32 -15.65 18.10
C ALA B 329 -15.19 -16.04 17.18
N GLY B 330 -14.82 -15.15 16.24
CA GLY B 330 -13.73 -15.44 15.33
C GLY B 330 -12.42 -15.68 16.05
N LEU B 331 -12.05 -14.74 16.92
CA LEU B 331 -10.82 -14.94 17.71
C LEU B 331 -10.85 -16.29 18.40
N THR B 332 -11.97 -16.62 19.03
CA THR B 332 -12.09 -17.89 19.74
C THR B 332 -11.93 -19.06 18.78
N LYS B 333 -12.50 -18.94 17.57
CA LYS B 333 -12.35 -19.99 16.57
C LYS B 333 -10.88 -20.25 16.29
N THR B 334 -10.14 -19.20 15.97
CA THR B 334 -8.73 -19.38 15.61
C THR B 334 -7.85 -19.74 16.80
N PHE B 335 -8.30 -19.47 18.03
CA PHE B 335 -7.52 -19.88 19.20
C PHE B 335 -7.78 -21.34 19.59
N GLN B 336 -9.04 -21.79 19.52
CA GLN B 336 -9.37 -23.15 19.95
C GLN B 336 -8.73 -24.21 19.06
N GLU B 337 -8.26 -23.84 17.87
CA GLU B 337 -7.52 -24.77 17.03
C GLU B 337 -6.24 -25.23 17.71
N TYR B 338 -5.58 -24.34 18.44
CA TYR B 338 -4.27 -24.62 19.03
C TYR B 338 -4.32 -25.03 20.49
N THR B 339 -5.31 -24.56 21.24
CA THR B 339 -5.48 -24.99 22.63
C THR B 339 -6.93 -24.76 23.04
N LYS B 340 -7.44 -25.66 23.89
CA LYS B 340 -8.84 -25.64 24.32
C LYS B 340 -9.05 -24.93 25.64
N GLU B 341 -7.99 -24.41 26.27
CA GLU B 341 -8.13 -23.70 27.53
C GLU B 341 -8.98 -22.44 27.34
N ASN B 342 -9.59 -21.98 28.43
CA ASN B 342 -10.39 -20.76 28.42
C ASN B 342 -9.91 -19.81 29.51
N GLN B 343 -10.38 -18.57 29.41
CA GLN B 343 -10.03 -17.49 30.32
C GLN B 343 -8.57 -17.60 30.75
N PHE B 344 -7.64 -17.40 29.81
CA PHE B 344 -6.22 -17.35 30.12
C PHE B 344 -5.51 -16.14 29.53
N CYS B 345 -6.13 -15.41 28.60
CA CYS B 345 -5.51 -14.28 27.94
C CYS B 345 -6.34 -13.02 28.17
N ALA B 346 -5.66 -11.93 28.49
CA ALA B 346 -6.36 -10.67 28.70
C ALA B 346 -6.84 -10.09 27.37
N ILE B 347 -7.86 -9.25 27.44
CA ILE B 347 -8.43 -8.65 26.24
C ILE B 347 -9.02 -7.29 26.61
N GLY B 348 -8.80 -6.31 25.74
CA GLY B 348 -9.31 -4.97 25.95
C GLY B 348 -9.27 -4.21 24.64
N SER B 349 -9.75 -2.97 24.70
CA SER B 349 -9.77 -2.11 23.51
C SER B 349 -9.55 -0.67 23.94
N ALA B 350 -8.61 0.00 23.28
CA ALA B 350 -8.35 1.40 23.58
C ALA B 350 -9.43 2.32 23.02
N LYS B 351 -10.25 1.82 22.09
CA LYS B 351 -11.31 2.63 21.53
C LYS B 351 -12.41 2.94 22.54
N SER B 352 -12.46 2.22 23.66
CA SER B 352 -13.36 2.61 24.75
C SER B 352 -12.88 3.87 25.43
N ASN B 353 -11.57 4.15 25.36
CA ASN B 353 -10.97 5.34 25.96
C ASN B 353 -11.01 6.54 25.03
N ILE B 354 -10.82 6.32 23.73
CA ILE B 354 -10.68 7.42 22.78
C ILE B 354 -11.63 7.27 21.60
N GLY B 355 -12.53 6.29 21.65
CA GLY B 355 -13.52 6.14 20.61
C GLY B 355 -12.98 5.43 19.37
N HIS B 356 -13.83 5.36 18.35
CA HIS B 356 -13.47 4.75 17.07
C HIS B 356 -12.86 5.83 16.19
N GLY B 357 -11.56 5.71 15.92
CA GLY B 357 -10.82 6.65 15.11
C GLY B 357 -10.44 6.17 13.72
N GLU B 358 -10.89 4.99 13.30
CA GLU B 358 -10.63 4.49 11.95
C GLU B 358 -9.17 4.10 11.83
N SER B 359 -8.37 4.89 11.08
CA SER B 359 -6.95 4.60 10.95
C SER B 359 -6.18 4.94 12.22
N ALA B 360 -6.30 6.19 12.68
CA ALA B 360 -5.59 6.61 13.87
C ALA B 360 -5.83 5.65 15.03
N ALA B 361 -7.04 5.11 15.15
CA ALA B 361 -7.31 4.21 16.27
C ALA B 361 -6.54 2.90 16.13
N GLY B 362 -6.48 2.38 14.90
CA GLY B 362 -5.64 1.21 14.67
C GLY B 362 -4.20 1.45 15.07
N ILE B 363 -3.65 2.59 14.68
CA ILE B 363 -2.25 2.86 15.02
C ILE B 363 -2.11 3.05 16.53
N ALA B 364 -3.15 3.56 17.20
CA ALA B 364 -3.10 3.85 18.64
C ALA B 364 -3.14 2.57 19.48
N GLY B 365 -3.85 1.56 19.02
CA GLY B 365 -3.84 0.29 19.74
C GLY B 365 -2.44 -0.27 19.91
N LEU B 366 -1.63 -0.21 18.85
CA LEU B 366 -0.25 -0.67 18.94
C LEU B 366 0.51 0.10 20.02
N THR B 367 0.34 1.42 20.08
CA THR B 367 1.03 2.20 21.09
C THR B 367 0.57 1.79 22.49
N LYS B 368 -0.72 1.51 22.66
CA LYS B 368 -1.20 1.02 23.94
C LYS B 368 -0.50 -0.29 24.33
N ILE B 369 -0.39 -1.21 23.38
CA ILE B 369 0.29 -2.48 23.67
C ILE B 369 1.73 -2.22 24.09
N LEU B 370 2.41 -1.32 23.37
CA LEU B 370 3.83 -1.09 23.67
C LEU B 370 4.01 -0.43 25.03
N LEU B 371 3.09 0.46 25.43
CA LEU B 371 3.19 1.06 26.76
C LEU B 371 2.91 0.04 27.85
N GLN B 372 1.90 -0.81 27.66
CA GLN B 372 1.71 -1.93 28.58
C GLN B 372 2.98 -2.74 28.74
N MET B 373 3.67 -3.01 27.63
CA MET B 373 4.91 -3.78 27.70
C MET B 373 6.01 -3.01 28.43
N LYS B 374 6.09 -1.71 28.21
CA LYS B 374 7.13 -0.91 28.85
C LYS B 374 6.96 -0.95 30.37
N TYR B 375 5.81 -0.51 30.86
CA TYR B 375 5.58 -0.43 32.30
C TYR B 375 5.09 -1.75 32.90
N LYS B 376 5.11 -2.85 32.14
CA LYS B 376 4.84 -4.19 32.64
C LYS B 376 3.53 -4.26 33.42
N ARG B 377 2.47 -3.73 32.82
CA ARG B 377 1.20 -3.62 33.53
C ARG B 377 0.06 -3.57 32.52
N LEU B 378 -0.99 -4.37 32.76
CA LEU B 378 -2.20 -4.31 31.95
C LEU B 378 -3.11 -3.20 32.46
N VAL B 379 -3.60 -2.35 31.55
CA VAL B 379 -4.50 -1.26 31.91
C VAL B 379 -5.94 -1.70 31.70
N PRO B 380 -6.93 -0.96 32.20
CA PRO B 380 -8.33 -1.35 31.99
C PRO B 380 -8.95 -0.80 30.71
N SER B 381 -9.87 -1.59 30.16
CA SER B 381 -10.78 -1.15 29.12
C SER B 381 -12.11 -0.75 29.76
N LEU B 382 -12.63 0.40 29.37
CA LEU B 382 -13.74 1.04 30.07
C LEU B 382 -15.09 0.56 29.53
N HIS B 383 -16.15 0.95 30.24
CA HIS B 383 -17.53 0.71 29.81
C HIS B 383 -17.81 -0.76 29.53
N SER B 384 -17.37 -1.64 30.42
CA SER B 384 -17.56 -3.07 30.23
C SER B 384 -18.90 -3.59 30.75
N ARG B 385 -19.75 -2.72 31.30
CA ARG B 385 -21.08 -3.16 31.71
C ARG B 385 -22.05 -3.26 30.53
N THR B 386 -21.81 -2.49 29.47
CA THR B 386 -22.74 -2.42 28.35
C THR B 386 -22.53 -3.52 27.33
N LEU B 387 -21.52 -4.37 27.52
CA LEU B 387 -21.24 -5.43 26.55
C LEU B 387 -22.47 -6.29 26.34
N ASN B 388 -22.70 -6.71 25.11
CA ASN B 388 -23.84 -7.56 24.83
C ASN B 388 -23.76 -8.84 25.65
N PRO B 389 -24.87 -9.33 26.20
CA PRO B 389 -24.83 -10.64 26.88
C PRO B 389 -24.56 -11.78 25.92
N ASN B 390 -24.72 -11.55 24.61
CA ASN B 390 -24.49 -12.60 23.62
C ASN B 390 -23.07 -13.13 23.66
N ILE B 391 -22.13 -12.36 24.23
CA ILE B 391 -20.74 -12.80 24.32
C ILE B 391 -20.46 -13.17 25.77
N ASP B 392 -20.72 -14.43 26.10
CA ASP B 392 -20.42 -15.00 27.42
C ASP B 392 -18.96 -15.45 27.38
N PHE B 393 -18.06 -14.52 27.74
CA PHE B 393 -16.63 -14.80 27.69
C PHE B 393 -16.25 -16.05 28.49
N SER B 394 -17.09 -16.49 29.41
CA SER B 394 -16.75 -17.67 30.21
C SER B 394 -16.38 -18.84 29.32
N LYS B 395 -16.99 -18.92 28.13
CA LYS B 395 -16.74 -20.00 27.17
C LYS B 395 -15.69 -19.64 26.12
N THR B 396 -14.94 -18.57 26.34
CA THR B 396 -13.90 -18.13 25.42
C THR B 396 -12.59 -17.96 26.19
N PRO B 397 -11.45 -17.96 25.49
CA PRO B 397 -10.17 -17.87 26.19
C PRO B 397 -9.76 -16.44 26.56
N PHE B 398 -10.74 -15.57 26.77
CA PHE B 398 -10.46 -14.14 26.88
C PHE B 398 -11.15 -13.56 28.10
N VAL B 399 -10.37 -12.88 28.94
CA VAL B 399 -10.86 -12.22 30.14
C VAL B 399 -10.70 -10.72 29.92
N VAL B 400 -11.77 -9.97 30.17
CA VAL B 400 -11.77 -8.53 29.94
C VAL B 400 -11.08 -7.87 31.13
N GLN B 401 -9.91 -7.28 30.88
CA GLN B 401 -9.16 -6.60 31.94
C GLN B 401 -9.95 -5.43 32.48
N GLN B 402 -10.43 -5.55 33.73
CA GLN B 402 -11.20 -4.50 34.39
C GLN B 402 -10.34 -3.63 35.30
N GLU B 403 -9.35 -4.21 35.97
CA GLU B 403 -8.48 -3.47 36.87
C GLU B 403 -7.10 -3.29 36.24
N LEU B 404 -6.40 -2.26 36.69
CA LEU B 404 -4.98 -2.13 36.41
C LEU B 404 -4.24 -3.23 37.18
N ALA B 405 -3.39 -3.99 36.48
CA ALA B 405 -2.75 -5.13 37.11
C ALA B 405 -1.35 -5.31 36.53
N GLU B 406 -0.52 -6.02 37.28
CA GLU B 406 0.83 -6.32 36.82
C GLU B 406 0.77 -7.35 35.71
N TRP B 407 1.52 -7.12 34.63
CA TRP B 407 1.59 -8.04 33.51
C TRP B 407 2.81 -8.93 33.71
N LYS B 408 2.61 -10.07 34.35
CA LYS B 408 3.70 -10.97 34.67
C LYS B 408 3.91 -11.97 33.53
N ARG B 409 5.17 -12.31 33.30
CA ARG B 409 5.51 -13.30 32.29
C ARG B 409 4.85 -14.64 32.60
N PRO B 410 3.95 -15.13 31.75
CA PRO B 410 3.23 -16.37 32.09
C PRO B 410 4.13 -17.59 32.00
N VAL B 411 3.90 -18.53 32.91
CA VAL B 411 4.52 -19.85 32.87
C VAL B 411 3.48 -20.84 32.37
N ILE B 412 3.85 -21.65 31.39
CA ILE B 412 2.89 -22.50 30.70
C ILE B 412 3.52 -23.85 30.41
N GLU B 413 2.69 -24.89 30.42
CA GLU B 413 3.09 -26.23 30.01
C GLU B 413 2.53 -26.50 28.61
N ILE B 414 3.42 -26.87 27.69
CA ILE B 414 3.08 -27.03 26.28
C ILE B 414 3.83 -28.25 25.76
N ASP B 415 3.10 -29.25 25.26
CA ASP B 415 3.69 -30.50 24.81
C ASP B 415 4.60 -31.09 25.87
N GLY B 416 4.19 -30.96 27.13
CA GLY B 416 4.96 -31.50 28.24
C GLY B 416 6.21 -30.73 28.58
N VAL B 417 6.30 -29.47 28.17
CA VAL B 417 7.43 -28.60 28.50
C VAL B 417 6.87 -27.41 29.27
N THR B 418 7.28 -27.28 30.53
CA THR B 418 6.84 -26.18 31.38
C THR B 418 7.93 -25.11 31.36
N ARG B 419 7.57 -23.91 30.90
CA ARG B 419 8.54 -22.85 30.68
C ARG B 419 7.88 -21.50 30.84
N GLU B 420 8.70 -20.50 31.17
CA GLU B 420 8.27 -19.12 31.21
C GLU B 420 8.38 -18.52 29.81
N TYR B 421 7.29 -17.90 29.35
CA TYR B 421 7.24 -17.27 28.05
C TYR B 421 7.13 -15.76 28.19
N ALA B 422 7.54 -15.06 27.15
CA ALA B 422 7.62 -13.61 27.20
C ALA B 422 6.24 -12.98 27.08
N ARG B 423 6.17 -11.69 27.40
CA ARG B 423 4.94 -10.93 27.25
C ARG B 423 4.61 -10.77 25.77
N ILE B 424 3.55 -11.46 25.31
CA ILE B 424 3.19 -11.51 23.90
C ILE B 424 1.77 -11.00 23.73
N ALA B 425 1.51 -10.27 22.64
CA ALA B 425 0.22 -9.65 22.43
C ALA B 425 -0.16 -9.63 20.96
N GLY B 426 -1.47 -9.68 20.70
CA GLY B 426 -2.00 -9.53 19.36
C GLY B 426 -2.90 -8.32 19.27
N ILE B 427 -3.01 -7.77 18.06
CA ILE B 427 -3.88 -6.62 17.79
C ILE B 427 -4.60 -6.84 16.47
N SER B 428 -5.85 -6.36 16.41
CA SER B 428 -6.72 -6.51 15.25
C SER B 428 -7.26 -5.16 14.81
N SER B 429 -7.28 -4.90 13.50
CA SER B 429 -7.99 -3.77 12.92
C SER B 429 -8.79 -4.26 11.73
N PHE B 430 -10.12 -4.19 11.82
CA PHE B 430 -11.01 -4.69 10.79
C PHE B 430 -11.71 -3.51 10.10
N GLY B 431 -11.58 -3.45 8.78
CA GLY B 431 -12.16 -2.36 8.04
C GLY B 431 -13.64 -2.55 7.79
N ALA B 432 -14.37 -1.43 7.79
CA ALA B 432 -15.79 -1.47 7.45
C ALA B 432 -16.00 -2.19 6.12
N GLY B 433 -15.11 -1.96 5.15
CA GLY B 433 -15.24 -2.60 3.84
C GLY B 433 -14.86 -4.06 3.80
N GLY B 434 -14.06 -4.51 4.78
CA GLY B 434 -13.69 -5.90 4.89
C GLY B 434 -12.20 -6.12 4.98
N ALA B 435 -11.42 -5.05 4.91
CA ALA B 435 -9.96 -5.13 4.94
C ALA B 435 -9.51 -5.39 6.37
N ASN B 436 -9.27 -6.66 6.69
CA ASN B 436 -8.84 -7.06 8.02
C ASN B 436 -7.32 -7.05 8.12
N ALA B 437 -6.81 -6.82 9.33
CA ALA B 437 -5.38 -6.82 9.58
C ALA B 437 -5.13 -7.24 11.02
N HIS B 438 -4.04 -7.99 11.24
CA HIS B 438 -3.67 -8.42 12.58
C HIS B 438 -2.15 -8.41 12.73
N LEU B 439 -1.68 -7.98 13.89
CA LEU B 439 -0.26 -7.94 14.21
C LEU B 439 0.04 -8.70 15.50
N VAL B 440 1.25 -9.24 15.58
CA VAL B 440 1.69 -10.03 16.73
C VAL B 440 3.02 -9.47 17.23
N ILE B 441 3.11 -9.19 18.53
CA ILE B 441 4.21 -8.43 19.11
C ILE B 441 4.72 -9.15 20.36
N GLU B 442 6.04 -9.21 20.49
CA GLU B 442 6.72 -9.82 21.62
C GLU B 442 7.59 -8.77 22.30
N GLU B 443 7.72 -8.87 23.62
CA GLU B 443 8.61 -7.97 24.32
C GLU B 443 10.07 -8.31 23.96
N TYR B 444 10.96 -7.34 24.18
CA TYR B 444 12.38 -7.53 23.98
C TYR B 444 13.04 -7.86 25.32
N ILE B 445 14.08 -8.70 25.26
CA ILE B 445 14.77 -9.17 26.45
C ILE B 445 16.27 -9.12 26.15
N GLU B 446 16.98 -8.21 26.82
CA GLU B 446 18.41 -8.09 26.59
C GLU B 446 19.15 -9.25 27.28
N ALA B 447 19.83 -10.06 26.48
CA ALA B 447 20.67 -11.14 27.00
C ALA B 447 22.09 -10.67 27.31
N GLU B 448 22.28 -9.44 27.79
CA GLU B 448 23.63 -8.94 27.99
C GLU B 448 23.73 -7.99 29.17
N HIS B 449 24.70 -8.27 30.05
CA HIS B 449 25.06 -7.40 31.16
C HIS B 449 24.96 -5.93 30.78
N ARG B 450 24.49 -5.11 31.73
CA ARG B 450 24.39 -3.67 31.61
C ARG B 450 25.40 -3.00 32.56
N PRO B 451 26.01 -1.88 32.15
CA PRO B 451 26.91 -1.18 33.09
C PRO B 451 26.18 -0.21 34.01
N SER B 454 29.96 4.36 34.60
CA SER B 454 31.25 4.83 34.10
C SER B 454 31.47 6.31 34.38
N ILE B 455 30.38 7.01 34.71
CA ILE B 455 30.45 8.46 34.87
C ILE B 455 31.18 8.80 36.16
N SER B 456 32.06 9.80 36.09
CA SER B 456 32.77 10.31 37.25
C SER B 456 33.33 11.68 36.87
N SER B 457 34.10 12.28 37.77
CA SER B 457 34.76 13.54 37.44
C SER B 457 35.90 13.32 36.47
N LYS B 458 36.49 12.12 36.47
CA LYS B 458 37.56 11.81 35.53
C LYS B 458 37.01 11.78 34.10
N ASN B 459 35.86 11.14 33.93
CA ASN B 459 35.20 10.98 32.63
C ASN B 459 33.74 11.36 32.82
N PRO B 460 33.39 12.63 32.58
CA PRO B 460 32.04 13.09 32.89
C PRO B 460 31.08 12.96 31.71
N ALA B 461 29.81 13.20 32.01
CA ALA B 461 28.79 13.31 30.99
C ALA B 461 28.83 14.70 30.38
N VAL B 462 28.51 14.78 29.10
CA VAL B 462 28.60 16.01 28.33
C VAL B 462 27.19 16.25 27.80
N ILE B 463 26.38 16.94 28.59
CA ILE B 463 24.97 17.16 28.25
C ILE B 463 24.90 18.39 27.35
N VAL B 464 24.14 18.28 26.26
CA VAL B 464 24.14 19.31 25.23
C VAL B 464 22.73 19.44 24.66
N LEU B 465 22.18 20.65 24.72
CA LEU B 465 20.88 20.95 24.14
C LEU B 465 21.01 22.12 23.17
N SER B 466 20.03 22.22 22.27
CA SER B 466 20.05 23.24 21.23
C SER B 466 18.66 23.37 20.63
N ALA B 467 18.29 24.60 20.29
CA ALA B 467 16.99 24.89 19.69
C ALA B 467 17.11 26.10 18.78
N LYS B 468 16.04 26.34 18.01
CA LYS B 468 16.06 27.40 17.00
C LYS B 468 16.03 28.80 17.59
N ASN B 469 15.76 28.95 18.89
CA ASN B 469 15.83 30.25 19.55
C ASN B 469 15.91 30.01 21.06
N LYS B 470 15.77 31.10 21.83
CA LYS B 470 15.98 31.04 23.27
C LYS B 470 14.72 30.60 24.02
N ASP B 471 13.55 31.05 23.59
CA ASP B 471 12.30 30.54 24.15
C ASP B 471 12.29 29.01 24.13
N ARG B 472 12.56 28.43 22.95
CA ARG B 472 12.51 26.98 22.80
C ARG B 472 13.64 26.28 23.53
N LEU B 473 14.81 26.93 23.62
CA LEU B 473 15.89 26.34 24.40
C LEU B 473 15.52 26.27 25.89
N ARG B 474 14.87 27.31 26.41
CA ARG B 474 14.45 27.28 27.80
C ARG B 474 13.37 26.22 28.00
N GLU B 475 12.41 26.12 27.08
CA GLU B 475 11.44 25.03 27.13
C GLU B 475 12.13 23.67 27.10
N GLN B 476 13.24 23.56 26.37
CA GLN B 476 13.95 22.29 26.30
C GLN B 476 14.60 21.95 27.64
N VAL B 477 15.28 22.93 28.24
CA VAL B 477 15.86 22.71 29.57
C VAL B 477 14.78 22.30 30.56
N GLN B 478 13.65 23.02 30.53
CA GLN B 478 12.53 22.72 31.40
C GLN B 478 12.04 21.29 31.21
N ARG B 479 11.76 20.90 29.95
CA ARG B 479 11.23 19.58 29.69
C ARG B 479 12.25 18.50 30.02
N LEU B 480 13.54 18.79 29.85
CA LEU B 480 14.55 17.81 30.22
C LEU B 480 14.58 17.57 31.72
N LEU B 481 14.54 18.64 32.53
CA LEU B 481 14.51 18.43 33.97
C LEU B 481 13.23 17.72 34.39
N SER B 482 12.07 18.18 33.88
CA SER B 482 10.81 17.55 34.24
C SER B 482 10.77 16.08 33.84
N ALA B 483 11.46 15.72 32.76
CA ALA B 483 11.53 14.32 32.35
C ALA B 483 12.49 13.52 33.22
N ILE B 484 13.66 14.10 33.51
CA ILE B 484 14.60 13.44 34.42
C ILE B 484 13.92 13.15 35.75
N ARG B 485 12.92 13.96 36.11
CA ARG B 485 12.21 13.73 37.37
C ARG B 485 11.10 12.70 37.19
N GLU B 486 10.15 12.97 36.28
CA GLU B 486 9.00 12.08 36.12
C GLU B 486 9.38 10.71 35.57
N GLN B 487 10.52 10.59 34.90
CA GLN B 487 10.99 9.30 34.41
C GLN B 487 11.97 8.62 35.35
N VAL B 488 12.52 9.35 36.32
CA VAL B 488 13.32 8.75 37.39
C VAL B 488 14.59 8.15 36.82
N LEU B 489 15.45 9.00 36.25
CA LEU B 489 16.73 8.56 35.69
C LEU B 489 17.82 8.63 36.77
N THR B 490 18.91 7.92 36.51
CA THR B 490 19.95 7.70 37.51
C THR B 490 21.33 7.95 36.91
N ASP B 491 22.36 7.86 37.76
CA ASP B 491 23.73 8.08 37.32
C ASP B 491 24.18 7.06 36.29
N ASN B 492 23.52 5.91 36.21
CA ASN B 492 23.86 4.93 35.19
C ASN B 492 23.32 5.33 33.82
N ASP B 493 22.18 6.01 33.79
CA ASP B 493 21.61 6.47 32.53
C ASP B 493 22.27 7.74 32.02
N LEU B 494 23.15 8.36 32.81
CA LEU B 494 23.82 9.57 32.36
C LEU B 494 24.55 9.34 31.05
N ALA B 495 25.34 8.27 30.97
CA ALA B 495 26.01 7.94 29.71
C ALA B 495 25.01 7.99 28.56
N GLU B 496 23.86 7.31 28.72
CA GLU B 496 22.90 7.21 27.63
C GLU B 496 22.24 8.56 27.34
N ILE B 497 21.88 9.31 28.38
CA ILE B 497 21.30 10.63 28.18
C ILE B 497 22.25 11.52 27.38
N ALA B 498 23.48 11.68 27.89
CA ALA B 498 24.50 12.45 27.19
C ALA B 498 24.63 12.01 25.74
N TYR B 499 24.80 10.71 25.51
CA TYR B 499 25.00 10.22 24.15
C TYR B 499 23.82 10.57 23.25
N THR B 500 22.60 10.27 23.69
CA THR B 500 21.42 10.53 22.87
C THR B 500 21.28 12.01 22.56
N LEU B 501 21.54 12.87 23.54
CA LEU B 501 21.48 14.31 23.28
C LEU B 501 22.62 14.77 22.37
N GLN B 502 23.73 14.01 22.32
CA GLN B 502 24.86 14.41 21.50
C GLN B 502 24.64 14.04 20.03
N VAL B 503 24.27 12.79 19.76
CA VAL B 503 24.17 12.29 18.40
C VAL B 503 22.73 12.26 17.90
N GLY B 504 21.78 11.95 18.78
CA GLY B 504 20.39 11.78 18.40
C GLY B 504 19.55 13.05 18.37
N ARG B 505 20.16 14.22 18.52
CA ARG B 505 19.45 15.49 18.42
C ARG B 505 20.18 16.39 17.45
N GLU B 506 19.42 17.21 16.72
CA GLU B 506 19.97 18.08 15.70
C GLU B 506 20.47 19.40 16.31
N ALA B 507 21.67 19.80 15.92
CA ALA B 507 22.30 21.01 16.44
C ALA B 507 21.68 22.24 15.79
N MET B 508 21.16 23.15 16.62
CA MET B 508 20.41 24.31 16.15
C MET B 508 21.18 25.60 16.43
N GLU B 509 20.50 26.74 16.23
CA GLU B 509 21.18 28.02 16.25
C GLU B 509 21.53 28.47 17.66
N GLU B 510 20.62 28.27 18.61
CA GLU B 510 20.82 28.65 20.00
C GLU B 510 21.19 27.40 20.79
N ARG B 511 22.27 27.48 21.57
CA ARG B 511 22.89 26.29 22.12
C ARG B 511 23.22 26.46 23.59
N PHE B 512 23.13 25.34 24.32
CA PHE B 512 23.37 25.24 25.74
C PHE B 512 24.06 23.91 26.02
N ALA B 513 24.96 23.90 27.00
CA ALA B 513 25.72 22.70 27.28
C ALA B 513 26.29 22.76 28.69
N VAL B 514 26.47 21.58 29.29
CA VAL B 514 27.04 21.46 30.62
C VAL B 514 27.87 20.18 30.69
N ILE B 515 28.83 20.18 31.62
CA ILE B 515 29.62 19.00 31.96
C ILE B 515 29.18 18.55 33.35
N VAL B 516 28.99 17.24 33.53
CA VAL B 516 28.30 16.70 34.70
C VAL B 516 28.98 15.41 35.13
N LYS B 517 28.79 15.06 36.40
CA LYS B 517 29.25 13.77 36.91
C LYS B 517 28.12 12.93 37.49
N SER B 518 27.17 13.56 38.18
CA SER B 518 26.02 12.88 38.75
C SER B 518 24.75 13.50 38.19
N ILE B 519 23.64 12.78 38.32
CA ILE B 519 22.37 13.31 37.84
C ILE B 519 21.95 14.52 38.68
N SER B 520 22.28 14.51 39.97
CA SER B 520 21.96 15.66 40.81
C SER B 520 22.68 16.91 40.32
N GLU B 521 23.92 16.75 39.86
CA GLU B 521 24.65 17.87 39.29
C GLU B 521 23.93 18.45 38.07
N LEU B 522 23.51 17.58 37.15
CA LEU B 522 22.80 18.05 35.97
C LEU B 522 21.48 18.70 36.36
N GLU B 523 20.75 18.11 37.31
CA GLU B 523 19.52 18.74 37.79
C GLU B 523 19.80 20.16 38.30
N ALA B 524 20.82 20.30 39.14
CA ALA B 524 21.16 21.61 39.68
C ALA B 524 21.50 22.59 38.56
N LYS B 525 22.30 22.15 37.58
CA LYS B 525 22.74 23.04 36.52
C LYS B 525 21.58 23.44 35.61
N LEU B 526 20.67 22.50 35.34
CA LEU B 526 19.49 22.82 34.53
C LEU B 526 18.59 23.81 35.26
N THR B 527 18.33 23.57 36.56
CA THR B 527 17.52 24.52 37.31
C THR B 527 18.21 25.86 37.44
N TYR B 528 19.54 25.87 37.46
CA TYR B 528 20.32 27.10 37.45
C TYR B 528 20.09 27.89 36.17
N TYR B 529 20.39 27.26 35.03
CA TYR B 529 20.11 27.88 33.74
C TYR B 529 18.66 28.38 33.69
N LEU B 530 17.73 27.54 34.10
CA LEU B 530 16.31 27.86 33.98
C LEU B 530 15.96 29.11 34.78
N LYS B 531 16.53 29.25 35.98
CA LYS B 531 16.35 30.45 36.77
C LYS B 531 17.15 31.60 36.17
N ASP B 532 16.62 32.81 36.31
CA ASP B 532 17.16 33.99 35.64
C ASP B 532 18.53 34.33 36.20
N GLU B 533 19.58 33.87 35.53
CA GLU B 533 20.96 34.24 35.83
C GLU B 533 21.61 34.64 34.51
N ALA B 534 22.32 35.76 34.53
CA ALA B 534 22.88 36.31 33.29
C ALA B 534 23.94 35.38 32.72
N ASP B 535 25.13 35.34 33.33
CA ASP B 535 26.21 34.49 32.83
C ASP B 535 26.88 33.80 33.99
N SER B 536 27.17 32.51 33.82
CA SER B 536 27.71 31.66 34.87
C SER B 536 28.66 30.65 34.24
N PRO B 537 29.61 30.13 35.00
CA PRO B 537 30.55 29.15 34.48
C PRO B 537 30.00 27.73 34.61
N ASP B 538 30.64 26.82 33.88
CA ASP B 538 30.17 25.43 33.75
C ASP B 538 28.74 25.39 33.22
N LEU B 539 28.32 26.50 32.60
CA LEU B 539 27.02 26.61 31.91
C LEU B 539 27.34 27.33 30.60
N PHE B 540 27.48 26.56 29.52
CA PHE B 540 27.94 27.10 28.25
C PHE B 540 26.74 27.48 27.39
N THR B 541 26.61 28.76 27.08
CA THR B 541 25.60 29.25 26.16
C THR B 541 26.26 29.72 24.87
N GLY B 542 25.46 29.81 23.81
CA GLY B 542 25.99 30.41 22.59
C GLY B 542 24.95 30.42 21.50
N GLN B 543 25.35 31.04 20.38
CA GLN B 543 24.54 31.09 19.17
C GLN B 543 25.43 30.74 17.99
N VAL B 544 24.82 30.57 16.82
CA VAL B 544 25.54 30.34 15.59
C VAL B 544 25.19 31.34 14.48
N LYS B 545 24.10 32.09 14.59
CA LYS B 545 23.78 33.12 13.59
C LYS B 545 24.98 34.00 13.28
N ARG B 546 25.71 34.42 14.32
CA ARG B 546 26.79 35.39 14.14
C ARG B 546 28.07 34.71 13.68
N ASN B 547 28.45 33.60 14.34
CA ASN B 547 29.71 32.95 14.03
C ASN B 547 29.51 32.01 12.85
N LYS B 548 30.20 32.31 11.73
CA LYS B 548 30.10 31.46 10.55
C LYS B 548 31.46 31.21 9.90
N GLU B 549 32.05 32.25 9.31
CA GLU B 549 33.24 32.07 8.49
C GLU B 549 34.43 31.59 9.31
N THR B 550 34.53 32.03 10.56
CA THR B 550 35.65 31.65 11.41
C THR B 550 35.52 30.21 11.88
N MET B 551 34.38 29.86 12.46
CA MET B 551 34.14 28.48 12.89
C MET B 551 34.27 27.49 11.74
N ASP B 552 33.93 27.91 10.53
CA ASP B 552 34.02 27.03 9.37
C ASP B 552 35.45 26.51 9.18
N VAL B 553 36.44 27.40 9.23
CA VAL B 553 37.81 27.03 8.90
C VAL B 553 38.28 25.81 9.68
N PHE B 554 37.70 25.57 10.86
CA PHE B 554 38.04 24.39 11.65
C PHE B 554 37.81 23.12 10.85
N ALA B 555 36.55 22.77 10.56
CA ALA B 555 36.28 21.54 9.84
C ALA B 555 37.01 21.51 8.50
N ALA B 556 37.19 22.69 7.88
CA ALA B 556 37.88 22.80 6.59
C ALA B 556 39.40 22.83 6.80
N ASP B 557 39.93 21.77 7.41
CA ASP B 557 41.37 21.68 7.63
C ASP B 557 41.72 20.31 8.17
N GLU B 558 42.80 19.73 7.65
CA GLU B 558 43.28 18.44 8.13
C GLU B 558 44.06 18.60 9.44
N ASP B 559 44.98 19.58 9.49
CA ASP B 559 45.77 19.80 10.68
C ASP B 559 44.88 20.20 11.86
N LEU B 560 43.97 21.14 11.63
CA LEU B 560 43.12 21.63 12.70
C LEU B 560 42.13 20.59 13.17
N GLN B 561 41.65 19.74 12.25
CA GLN B 561 40.83 18.61 12.66
C GLN B 561 41.62 17.64 13.54
N GLN B 562 42.87 17.36 13.16
CA GLN B 562 43.73 16.56 14.04
C GLN B 562 43.87 17.23 15.41
N ALA B 563 43.89 18.57 15.43
CA ALA B 563 44.00 19.28 16.70
C ALA B 563 42.76 19.05 17.57
N ILE B 564 41.56 19.14 16.97
CA ILE B 564 40.35 18.86 17.74
C ILE B 564 40.34 17.41 18.21
N ASP B 565 40.86 16.50 17.37
CA ASP B 565 40.99 15.10 17.78
C ASP B 565 41.86 14.97 19.03
N THR B 566 42.96 15.74 19.07
CA THR B 566 43.78 15.71 20.27
C THR B 566 43.04 16.33 21.46
N TRP B 567 42.24 17.37 21.20
CA TRP B 567 41.37 17.91 22.24
C TRP B 567 40.49 16.83 22.85
N ILE B 568 39.76 16.08 22.02
CA ILE B 568 38.84 15.09 22.56
C ILE B 568 39.63 14.01 23.31
N THR B 569 40.70 13.49 22.69
CA THR B 569 41.47 12.44 23.36
C THR B 569 41.95 12.90 24.73
N LYS B 570 42.47 14.12 24.83
CA LYS B 570 42.94 14.60 26.12
C LYS B 570 41.79 14.92 27.07
N GLY B 571 40.62 15.23 26.53
CA GLY B 571 39.46 15.50 27.37
C GLY B 571 39.25 16.93 27.77
N LYS B 572 39.71 17.89 26.97
CA LYS B 572 39.44 19.31 27.21
C LYS B 572 37.97 19.59 26.90
N TYR B 573 37.06 18.89 27.58
CA TYR B 573 35.65 18.97 27.24
C TYR B 573 35.13 20.41 27.34
N ALA B 574 35.68 21.21 28.26
CA ALA B 574 35.15 22.55 28.48
C ALA B 574 35.45 23.46 27.31
N LYS B 575 36.69 23.42 26.81
CA LYS B 575 37.02 24.18 25.60
C LYS B 575 36.17 23.71 24.42
N ILE B 576 36.02 22.40 24.28
CA ILE B 576 35.22 21.83 23.19
C ILE B 576 33.80 22.36 23.25
N LEU B 577 33.20 22.38 24.45
CA LEU B 577 31.85 22.91 24.60
C LEU B 577 31.80 24.42 24.32
N GLN B 578 32.76 25.16 24.86
CA GLN B 578 32.82 26.60 24.63
C GLN B 578 32.84 26.92 23.14
N MET B 579 33.40 26.01 22.34
CA MET B 579 33.41 26.20 20.89
C MET B 579 32.21 25.59 20.20
N TRP B 580 31.65 24.50 20.74
CA TRP B 580 30.47 23.89 20.13
C TRP B 580 29.27 24.81 20.22
N VAL B 581 29.09 25.47 21.37
CA VAL B 581 27.97 26.41 21.50
C VAL B 581 28.09 27.54 20.48
N GLN B 582 29.26 27.70 19.87
CA GLN B 582 29.47 28.74 18.86
C GLN B 582 29.31 28.24 17.43
N GLY B 583 29.34 26.91 17.20
CA GLY B 583 29.12 26.40 15.87
C GLY B 583 29.92 25.16 15.50
N LEU B 584 31.10 25.00 16.11
CA LEU B 584 32.00 23.90 15.77
C LEU B 584 31.25 22.60 15.53
N ILE B 585 31.66 21.89 14.47
CA ILE B 585 31.08 20.61 14.11
C ILE B 585 32.17 19.56 14.27
N PHE B 586 31.88 18.51 15.03
CA PHE B 586 32.84 17.44 15.27
C PHE B 586 32.07 16.18 15.64
N ASP B 587 32.63 15.03 15.26
CA ASP B 587 31.94 13.76 15.45
C ASP B 587 31.89 13.42 16.93
N TRP B 588 30.70 13.52 17.53
CA TRP B 588 30.55 13.18 18.94
C TRP B 588 30.98 11.74 19.20
N ASN B 589 30.85 10.86 18.21
CA ASN B 589 31.25 9.48 18.41
C ASN B 589 32.72 9.35 18.79
N LYS B 590 33.55 10.34 18.41
CA LYS B 590 34.96 10.30 18.79
C LYS B 590 35.13 10.23 20.30
N LEU B 591 34.14 10.73 21.05
CA LEU B 591 34.21 10.73 22.51
C LEU B 591 34.46 9.34 23.06
N TYR B 592 33.83 8.32 22.48
CA TYR B 592 33.90 6.95 22.97
C TYR B 592 34.69 6.15 21.94
N GLY B 593 35.88 5.70 22.32
CA GLY B 593 36.73 5.03 21.36
C GLY B 593 36.25 3.66 20.94
N ASP B 594 35.24 3.11 21.60
CA ASP B 594 34.70 1.80 21.27
C ASP B 594 33.46 1.56 22.11
N THR B 595 32.60 0.68 21.61
CA THR B 595 31.41 0.20 22.34
C THR B 595 30.63 1.38 22.94
N LYS B 596 30.10 2.20 22.04
CA LYS B 596 29.30 3.34 22.47
C LYS B 596 27.99 2.86 23.11
N PRO B 597 27.44 3.64 24.03
CA PRO B 597 26.30 3.16 24.82
C PRO B 597 25.00 3.17 24.02
N ARG B 598 23.95 2.65 24.66
CA ARG B 598 22.63 2.57 24.07
C ARG B 598 21.91 3.92 24.14
N ARG B 599 20.84 4.03 23.35
CA ARG B 599 19.97 5.20 23.37
C ARG B 599 18.72 4.92 24.21
N ILE B 600 17.99 5.99 24.54
CA ILE B 600 16.74 5.89 25.30
C ILE B 600 15.84 7.07 24.96
N SER B 601 14.57 6.95 25.35
CA SER B 601 13.56 7.98 25.09
C SER B 601 13.81 9.23 25.92
N LEU B 602 14.21 10.31 25.26
CA LEU B 602 14.23 11.62 25.88
C LEU B 602 13.22 12.52 25.18
N PRO B 603 12.66 13.52 25.86
CA PRO B 603 11.59 14.31 25.26
C PRO B 603 12.07 15.05 24.01
N ALA B 604 11.16 15.17 23.03
CA ALA B 604 11.48 15.73 21.74
C ALA B 604 11.52 17.26 21.78
N TYR B 605 11.91 17.84 20.65
CA TYR B 605 11.93 19.29 20.50
C TYR B 605 10.54 19.85 20.82
N PRO B 606 10.45 20.89 21.67
CA PRO B 606 9.14 21.47 21.98
C PRO B 606 8.64 22.39 20.87
N PHE B 607 7.95 21.81 19.90
CA PHE B 607 7.44 22.57 18.76
C PHE B 607 6.64 23.78 19.21
N ALA B 608 6.90 24.92 18.56
CA ALA B 608 6.04 26.08 18.72
C ALA B 608 4.60 25.71 18.40
N ARG B 609 3.66 26.30 19.13
CA ARG B 609 2.25 25.97 19.02
C ARG B 609 1.46 27.10 18.37
N GLU B 610 2.00 27.66 17.29
CA GLU B 610 1.33 28.73 16.57
C GLU B 610 0.19 28.18 15.73
N ARG B 611 -0.87 28.97 15.59
CA ARG B 611 -2.08 28.53 14.91
C ARG B 611 -2.07 28.89 13.44
N TYR B 612 -2.72 28.03 12.64
CA TYR B 612 -2.85 28.21 11.20
C TYR B 612 -4.11 27.52 10.71
N TRP B 613 -5.04 28.28 10.14
CA TRP B 613 -6.28 27.74 9.63
C TRP B 613 -6.64 28.50 8.36
N LEU B 614 -7.92 28.55 7.99
CA LEU B 614 -8.33 29.15 6.73
C LEU B 614 -9.61 29.94 6.93
N PRO B 615 -9.83 30.98 6.09
CA PRO B 615 -11.02 31.83 6.17
C PRO B 615 -12.30 31.09 6.51
#